data_5OO2
#
_entry.id   5OO2
#
_cell.length_a   86.953
_cell.length_b   157.676
_cell.length_c   87.556
_cell.angle_alpha   90.00
_cell.angle_beta   90.00
_cell.angle_gamma   90.00
#
_symmetry.space_group_name_H-M   'P 21 21 2'
#
loop_
_entity.id
_entity.type
_entity.pdbx_description
1 polymer 'Uncharacterized protein'
2 non-polymer GLYCEROL
3 non-polymer '(alpha-D-glucopyranosyloxy)acetic acid'
4 non-polymer SERINE
5 water water
#
_entity_poly.entity_id   1
_entity_poly.type   'polypeptide(L)'
_entity_poly.pdbx_seq_one_letter_code
;GAMPHDPSFTPTQLAARAAYLLRGNDLGTMTTAAPLLYPHMWSWDAAFVAIGLAPLSVERAVVELDTLLSAQWRNGMIPH
IVFANGVDGYFPGPARWATATLADNAPRNRLTSGITQPPVHAIAVQRILEHARTRGRSTRAVAEAFLDRRWGDLMRWHRW
LAECRDRNERGRITLYHGWESGMDNSPRWDSAYANVVPGKLPEYQRADNVIITDPSQRPSDGEYDRYLWLLEEMKAVRYD
DERLPSVMSFQVEDVFFSAIFSVACQVLAEIGEDYKRPHADVKDLYLWAERFRAGVVETTDQRTGAARDFDVLAEKWLVT
ETAAQFAPLLCGGLPHDRERALLKLLEGPRFCGHPDLKYGLIPSTSPVSRDFRPREYWRGPVWPVLTWLFSWCFARRGWA
ERARLLRQEGLRQASDGSFAAYYEPFTGEPLGSMQQSWTAAAVLDWLG
;
_entity_poly.pdbx_strand_id   A,B
#
loop_
_chem_comp.id
_chem_comp.type
_chem_comp.name
_chem_comp.formula
9YW D-saccharide '(alpha-D-glucopyranosyloxy)acetic acid' 'C8 H14 O8'
GOL non-polymer GLYCEROL 'C3 H8 O3'
#
# COMPACT_ATOMS: atom_id res chain seq x y z
N PRO A 4 -10.68 -9.03 34.45
CA PRO A 4 -11.48 -8.03 35.18
C PRO A 4 -11.71 -6.70 34.44
N HIS A 5 -10.93 -5.65 34.74
CA HIS A 5 -11.28 -4.31 34.26
C HIS A 5 -11.05 -4.14 32.75
N ASP A 6 -10.06 -4.83 32.20
CA ASP A 6 -9.86 -4.86 30.75
C ASP A 6 -9.43 -6.26 30.33
N PRO A 7 -10.32 -7.04 29.70
CA PRO A 7 -10.00 -8.43 29.39
C PRO A 7 -8.95 -8.61 28.29
N SER A 8 -8.56 -7.56 27.58
CA SER A 8 -7.76 -7.79 26.39
C SER A 8 -6.26 -7.87 26.72
N PHE A 9 -5.50 -8.35 25.75
CA PHE A 9 -4.06 -8.53 25.86
C PHE A 9 -3.31 -7.41 25.16
N THR A 10 -2.12 -7.12 25.68
CA THR A 10 -1.15 -6.25 25.00
C THR A 10 -0.73 -6.88 23.67
N PRO A 11 -0.18 -6.07 22.75
CA PRO A 11 0.34 -6.65 21.48
C PRO A 11 1.33 -7.79 21.67
N THR A 12 2.28 -7.64 22.59
CA THR A 12 3.24 -8.74 22.83
C THR A 12 2.56 -9.96 23.44
N GLN A 13 1.64 -9.77 24.38
CA GLN A 13 0.95 -10.94 24.94
C GLN A 13 0.10 -11.63 23.86
N LEU A 14 -0.55 -10.83 23.00
CA LEU A 14 -1.37 -11.39 21.92
C LEU A 14 -0.52 -12.16 20.92
N ALA A 15 0.60 -11.56 20.49
CA ALA A 15 1.50 -12.23 19.56
C ALA A 15 2.00 -13.55 20.15
N ALA A 16 2.41 -13.53 21.42
CA ALA A 16 2.88 -14.74 22.09
C ALA A 16 1.79 -15.80 22.12
N ARG A 17 0.57 -15.41 22.45
CA ARG A 17 -0.51 -16.38 22.53
C ARG A 17 -0.89 -16.92 21.15
N ALA A 18 -0.85 -16.06 20.11
CA ALA A 18 -1.08 -16.56 18.75
C ALA A 18 -0.03 -17.59 18.37
N ALA A 19 1.23 -17.28 18.60
CA ALA A 19 2.27 -18.24 18.28
C ALA A 19 2.10 -19.50 19.10
N TYR A 20 1.73 -19.35 20.38
CA TYR A 20 1.56 -20.53 21.22
C TYR A 20 0.49 -21.46 20.66
N LEU A 21 -0.65 -20.89 20.22
CA LEU A 21 -1.71 -21.67 19.61
C LEU A 21 -1.23 -22.35 18.33
N LEU A 22 -0.55 -21.61 17.45
CA LEU A 22 -0.14 -22.20 16.18
C LEU A 22 0.76 -23.41 16.42
N ARG A 23 1.69 -23.31 17.37
CA ARG A 23 2.54 -24.46 17.66
C ARG A 23 1.75 -25.58 18.35
N GLY A 24 0.72 -25.24 19.13
CA GLY A 24 -0.03 -26.30 19.81
C GLY A 24 -0.91 -27.09 18.86
N ASN A 25 -1.29 -26.50 17.72
CA ASN A 25 -2.08 -27.19 16.70
C ASN A 25 -1.21 -27.92 15.69
N ASP A 26 0.11 -27.88 15.86
CA ASP A 26 1.06 -28.51 14.96
C ASP A 26 1.11 -30.01 15.24
N LEU A 27 0.63 -30.84 14.32
CA LEU A 27 0.82 -32.28 14.49
C LEU A 27 2.22 -32.76 14.13
N GLY A 28 3.06 -31.92 13.54
CA GLY A 28 4.41 -32.35 13.18
C GLY A 28 4.82 -31.83 11.82
N THR A 29 4.06 -32.21 10.78
CA THR A 29 4.22 -31.64 9.45
C THR A 29 2.95 -30.99 8.94
N MET A 30 1.88 -31.00 9.71
CA MET A 30 0.68 -30.26 9.32
C MET A 30 0.08 -29.63 10.56
N THR A 31 -0.72 -28.59 10.34
CA THR A 31 -1.34 -27.85 11.43
C THR A 31 -2.84 -27.98 11.30
N THR A 32 -3.50 -28.40 12.37
CA THR A 32 -4.94 -28.55 12.32
C THR A 32 -5.59 -27.18 12.21
N ALA A 33 -6.73 -27.13 11.51
CA ALA A 33 -7.45 -25.87 11.38
C ALA A 33 -8.02 -25.42 12.73
N ALA A 34 -8.49 -26.37 13.55
CA ALA A 34 -8.91 -26.07 14.91
C ALA A 34 -8.84 -27.37 15.70
N PRO A 35 -8.57 -27.31 17.01
CA PRO A 35 -8.22 -28.53 17.76
C PRO A 35 -9.22 -29.65 17.69
N LEU A 36 -10.50 -29.36 17.93
CA LEU A 36 -11.49 -30.43 17.92
C LEU A 36 -12.42 -30.38 16.73
N LEU A 37 -12.83 -29.18 16.30
CA LEU A 37 -13.83 -29.07 15.26
C LEU A 37 -13.28 -29.51 13.91
N TYR A 38 -12.04 -29.13 13.63
CA TYR A 38 -11.41 -29.28 12.31
C TYR A 38 -10.02 -29.89 12.50
N PRO A 39 -9.93 -31.14 13.01
CA PRO A 39 -8.62 -31.66 13.46
C PRO A 39 -7.79 -32.27 12.34
N HIS A 40 -7.79 -31.59 11.19
CA HIS A 40 -7.06 -31.99 10.00
C HIS A 40 -6.57 -30.72 9.30
N MET A 41 -5.89 -30.91 8.17
CA MET A 41 -5.36 -29.79 7.41
C MET A 41 -6.39 -29.33 6.40
N TRP A 42 -6.85 -28.08 6.50
CA TRP A 42 -7.71 -27.50 5.47
C TRP A 42 -6.84 -26.68 4.53
N SER A 43 -7.23 -26.65 3.25
CA SER A 43 -6.36 -26.06 2.25
C SER A 43 -6.24 -24.54 2.42
N TRP A 44 -7.33 -23.77 2.41
CA TRP A 44 -6.96 -22.36 2.54
C TRP A 44 -6.59 -21.99 3.97
N ASP A 45 -7.03 -22.72 5.00
CA ASP A 45 -6.43 -22.50 6.33
C ASP A 45 -4.92 -22.71 6.29
N ALA A 46 -4.46 -23.76 5.60
CA ALA A 46 -3.04 -24.06 5.59
C ALA A 46 -2.23 -22.94 4.96
N ALA A 47 -2.79 -22.26 3.96
CA ALA A 47 -2.06 -21.11 3.43
C ALA A 47 -1.93 -20.03 4.49
N PHE A 48 -3.02 -19.75 5.20
CA PHE A 48 -2.95 -18.76 6.27
C PHE A 48 -2.02 -19.23 7.37
N VAL A 49 -2.05 -20.52 7.70
CA VAL A 49 -1.11 -21.04 8.67
C VAL A 49 0.32 -20.77 8.20
N ALA A 50 0.60 -20.98 6.93
CA ALA A 50 1.97 -20.76 6.48
C ALA A 50 2.36 -19.28 6.61
N ILE A 51 1.40 -18.37 6.37
CA ILE A 51 1.64 -16.93 6.57
C ILE A 51 1.91 -16.64 8.04
N GLY A 52 1.16 -17.27 8.94
CA GLY A 52 1.38 -17.09 10.38
C GLY A 52 2.70 -17.66 10.89
N LEU A 53 3.20 -18.74 10.25
CA LEU A 53 4.46 -19.37 10.67
C LEU A 53 5.67 -18.62 10.13
N ALA A 54 5.51 -17.88 9.04
CA ALA A 54 6.68 -17.29 8.40
C ALA A 54 7.48 -16.37 9.33
N PRO A 55 6.86 -15.55 10.20
CA PRO A 55 7.70 -14.78 11.14
C PRO A 55 8.26 -15.63 12.27
N LEU A 56 7.77 -16.86 12.48
CA LEU A 56 8.30 -17.77 13.51
C LEU A 56 9.39 -18.68 12.97
N SER A 57 9.16 -19.26 11.79
CA SER A 57 10.10 -20.22 11.25
C SER A 57 9.80 -20.35 9.77
N VAL A 58 10.66 -19.79 8.93
CA VAL A 58 10.51 -19.97 7.50
C VAL A 58 10.55 -21.45 7.16
N GLU A 59 11.46 -22.21 7.79
CA GLU A 59 11.57 -23.64 7.53
C GLU A 59 10.24 -24.34 7.76
N ARG A 60 9.59 -24.04 8.90
CA ARG A 60 8.33 -24.73 9.19
C ARG A 60 7.17 -24.19 8.35
N ALA A 61 7.20 -22.90 7.94
CA ALA A 61 6.16 -22.43 7.02
C ALA A 61 6.21 -23.18 5.70
N VAL A 62 7.42 -23.38 5.17
CA VAL A 62 7.62 -24.11 3.92
C VAL A 62 7.13 -25.55 4.05
N VAL A 63 7.39 -26.17 5.21
CA VAL A 63 6.94 -27.54 5.46
C VAL A 63 5.43 -27.64 5.34
N GLU A 64 4.71 -26.66 5.89
CA GLU A 64 3.25 -26.69 5.85
C GLU A 64 2.76 -26.70 4.41
N LEU A 65 3.38 -25.89 3.53
CA LEU A 65 2.95 -25.90 2.13
C LEU A 65 3.43 -27.16 1.41
N ASP A 66 4.64 -27.64 1.72
CA ASP A 66 5.10 -28.93 1.20
C ASP A 66 4.11 -30.06 1.49
N THR A 67 3.59 -30.09 2.71
CA THR A 67 2.65 -31.13 3.12
C THR A 67 1.36 -31.03 2.33
N LEU A 68 0.82 -29.81 2.18
CA LEU A 68 -0.38 -29.65 1.38
C LEU A 68 -0.13 -30.06 -0.06
N LEU A 69 0.96 -29.55 -0.67
CA LEU A 69 1.22 -29.90 -2.06
C LEU A 69 1.54 -31.40 -2.23
N SER A 70 2.07 -32.08 -1.21
CA SER A 70 2.27 -33.54 -1.35
C SER A 70 0.93 -34.27 -1.49
N ALA A 71 -0.18 -33.61 -1.16
CA ALA A 71 -1.50 -34.19 -1.30
C ALA A 71 -2.21 -33.73 -2.57
N GLN A 72 -1.55 -32.96 -3.42
CA GLN A 72 -2.16 -32.50 -4.66
C GLN A 72 -2.50 -33.69 -5.54
N TRP A 73 -3.65 -33.61 -6.22
CA TRP A 73 -4.08 -34.67 -7.14
C TRP A 73 -3.21 -34.67 -8.41
N ARG A 74 -3.21 -35.82 -9.09
N ARG A 74 -3.19 -35.83 -9.07
CA ARG A 74 -2.39 -35.99 -10.28
CA ARG A 74 -2.41 -36.01 -10.29
C ARG A 74 -2.80 -35.06 -11.41
C ARG A 74 -2.76 -34.99 -11.36
N ASN A 75 -3.98 -34.46 -11.35
CA ASN A 75 -4.42 -33.50 -12.36
C ASN A 75 -4.14 -32.04 -11.94
N GLY A 76 -3.60 -31.81 -10.75
CA GLY A 76 -3.27 -30.49 -10.24
C GLY A 76 -4.19 -29.98 -9.14
N MET A 77 -5.37 -30.59 -8.94
CA MET A 77 -6.26 -30.07 -7.90
C MET A 77 -5.60 -30.16 -6.54
N ILE A 78 -5.65 -29.07 -5.79
CA ILE A 78 -5.34 -29.10 -4.35
C ILE A 78 -6.65 -29.39 -3.62
N PRO A 79 -6.77 -30.53 -2.92
CA PRO A 79 -8.03 -30.88 -2.30
C PRO A 79 -8.18 -30.07 -1.02
N HIS A 80 -9.42 -29.87 -0.58
CA HIS A 80 -9.65 -28.91 0.50
C HIS A 80 -9.38 -29.49 1.90
N ILE A 81 -9.41 -30.81 2.07
CA ILE A 81 -8.97 -31.42 3.31
C ILE A 81 -7.88 -32.45 3.01
N VAL A 82 -6.78 -32.40 3.78
CA VAL A 82 -5.80 -33.47 3.88
C VAL A 82 -5.94 -34.05 5.29
N PHE A 83 -6.46 -35.27 5.37
CA PHE A 83 -6.78 -35.86 6.65
C PHE A 83 -5.53 -36.29 7.40
N ALA A 84 -5.51 -36.03 8.70
CA ALA A 84 -4.40 -36.49 9.53
C ALA A 84 -4.49 -38.00 9.76
N ASN A 85 -3.35 -38.68 9.71
CA ASN A 85 -3.38 -40.14 9.73
C ASN A 85 -3.99 -40.64 11.02
N GLY A 86 -4.98 -41.52 10.88
CA GLY A 86 -5.62 -42.11 12.06
C GLY A 86 -6.21 -41.09 13.02
N VAL A 87 -6.86 -40.05 12.49
CA VAL A 87 -7.58 -39.09 13.32
C VAL A 87 -9.04 -39.10 12.89
N ASP A 88 -9.94 -39.20 13.87
CA ASP A 88 -11.37 -39.14 13.65
C ASP A 88 -11.93 -37.96 14.45
N GLY A 89 -13.26 -37.82 14.48
CA GLY A 89 -13.89 -36.69 15.10
C GLY A 89 -14.36 -35.62 14.15
N TYR A 90 -14.08 -35.76 12.86
CA TYR A 90 -14.67 -34.95 11.81
C TYR A 90 -15.42 -35.83 10.82
N PHE A 91 -16.63 -35.42 10.45
CA PHE A 91 -17.44 -36.01 9.39
C PHE A 91 -17.82 -34.95 8.37
N PRO A 92 -17.70 -35.24 7.06
CA PRO A 92 -17.41 -36.55 6.49
C PRO A 92 -15.92 -36.83 6.43
N GLY A 93 -15.52 -38.02 6.88
CA GLY A 93 -14.13 -38.39 6.93
C GLY A 93 -13.72 -39.15 5.69
N PRO A 94 -12.48 -39.66 5.69
CA PRO A 94 -11.95 -40.35 4.50
C PRO A 94 -12.84 -41.42 3.94
N ALA A 95 -13.58 -42.13 4.79
CA ALA A 95 -14.36 -43.26 4.30
C ALA A 95 -15.56 -42.79 3.51
N ARG A 96 -16.18 -41.69 3.94
CA ARG A 96 -17.33 -41.15 3.23
C ARG A 96 -16.91 -40.66 1.84
N TRP A 97 -15.79 -39.93 1.78
CA TRP A 97 -15.27 -39.41 0.52
C TRP A 97 -14.86 -40.52 -0.43
N ALA A 98 -14.21 -41.56 0.09
CA ALA A 98 -13.83 -42.75 -0.69
C ALA A 98 -12.98 -42.39 -1.92
N THR A 99 -12.26 -41.27 -1.84
CA THR A 99 -11.35 -40.88 -2.92
C THR A 99 -10.19 -41.85 -3.06
N ALA A 100 -9.68 -42.38 -1.95
CA ALA A 100 -8.58 -43.34 -2.03
C ALA A 100 -8.95 -44.49 -2.95
N THR A 101 -10.22 -44.89 -2.97
CA THR A 101 -10.58 -46.01 -3.82
C THR A 101 -11.18 -45.60 -5.16
N LEU A 102 -11.87 -44.46 -5.24
CA LEU A 102 -12.63 -44.16 -6.43
C LEU A 102 -11.94 -43.20 -7.39
N ALA A 103 -11.14 -42.27 -6.88
CA ALA A 103 -10.60 -41.18 -7.68
C ALA A 103 -9.25 -41.60 -8.25
N ASP A 104 -9.19 -41.77 -9.57
CA ASP A 104 -7.94 -42.12 -10.23
C ASP A 104 -6.85 -41.07 -10.03
N ASN A 105 -7.22 -39.81 -9.80
CA ASN A 105 -6.24 -38.74 -9.66
C ASN A 105 -5.85 -38.46 -8.22
N ALA A 106 -6.35 -39.22 -7.25
CA ALA A 106 -6.05 -38.92 -5.85
C ALA A 106 -4.60 -39.28 -5.54
N PRO A 107 -4.00 -38.65 -4.52
CA PRO A 107 -2.58 -38.89 -4.22
C PRO A 107 -2.39 -40.28 -3.62
N ARG A 108 -1.14 -40.72 -3.64
N ARG A 108 -1.14 -40.76 -3.65
CA ARG A 108 -0.74 -41.97 -3.00
CA ARG A 108 -0.87 -42.14 -3.25
C ARG A 108 -0.20 -41.65 -1.61
C ARG A 108 -0.52 -42.29 -1.78
N ASN A 109 -0.69 -42.40 -0.62
N ASN A 109 0.06 -41.26 -1.16
CA ASN A 109 -0.27 -42.36 0.78
CA ASN A 109 0.58 -41.38 0.20
C ASN A 109 -0.59 -41.05 1.48
C ASN A 109 -0.18 -40.49 1.18
N ARG A 110 -1.46 -40.21 0.90
CA ARG A 110 -2.20 -39.19 1.62
C ARG A 110 -3.68 -39.49 1.47
N LEU A 111 -4.48 -39.17 2.49
CA LEU A 111 -5.93 -39.26 2.40
C LEU A 111 -6.49 -37.86 2.32
N THR A 112 -7.36 -37.62 1.33
CA THR A 112 -7.85 -36.27 1.08
C THR A 112 -9.34 -36.29 0.80
N SER A 113 -9.91 -35.10 0.75
CA SER A 113 -11.26 -34.91 0.23
C SER A 113 -11.22 -34.96 -1.30
N GLY A 114 -12.37 -34.76 -1.92
CA GLY A 114 -12.49 -34.80 -3.37
C GLY A 114 -12.96 -33.51 -4.02
N ILE A 115 -12.88 -32.38 -3.29
CA ILE A 115 -13.25 -31.06 -3.76
C ILE A 115 -12.10 -30.11 -3.43
N THR A 116 -12.21 -28.86 -3.88
CA THR A 116 -11.11 -27.93 -3.76
C THR A 116 -11.50 -26.76 -2.84
N GLN A 117 -10.66 -25.72 -2.79
CA GLN A 117 -10.92 -24.52 -2.01
C GLN A 117 -10.12 -23.34 -2.62
N PRO A 118 -10.39 -22.10 -2.20
CA PRO A 118 -9.80 -20.93 -2.91
C PRO A 118 -8.29 -20.95 -2.94
N PRO A 119 -7.68 -20.45 -4.05
CA PRO A 119 -6.21 -20.49 -4.23
C PRO A 119 -5.45 -19.31 -3.64
N VAL A 120 -5.50 -19.17 -2.31
CA VAL A 120 -4.70 -18.14 -1.63
C VAL A 120 -3.24 -18.56 -1.48
N HIS A 121 -2.88 -19.75 -1.99
CA HIS A 121 -1.56 -20.32 -1.69
C HIS A 121 -0.42 -19.43 -2.18
N ALA A 122 -0.57 -18.80 -3.36
CA ALA A 122 0.48 -17.91 -3.89
C ALA A 122 0.75 -16.73 -2.97
N ILE A 123 -0.30 -16.25 -2.30
CA ILE A 123 -0.14 -15.14 -1.34
C ILE A 123 0.70 -15.59 -0.15
N ALA A 124 0.47 -16.82 0.34
CA ALA A 124 1.34 -17.37 1.37
C ALA A 124 2.77 -17.48 0.89
N VAL A 125 2.99 -17.91 -0.37
CA VAL A 125 4.37 -17.98 -0.88
C VAL A 125 5.01 -16.58 -0.90
N GLN A 126 4.25 -15.55 -1.26
CA GLN A 126 4.81 -14.19 -1.24
C GLN A 126 5.19 -13.77 0.18
N ARG A 127 4.32 -14.03 1.17
CA ARG A 127 4.69 -13.67 2.54
C ARG A 127 5.90 -14.47 3.00
N ILE A 128 6.00 -15.76 2.67
CA ILE A 128 7.18 -16.51 3.08
C ILE A 128 8.44 -15.87 2.47
N LEU A 129 8.36 -15.48 1.19
CA LEU A 129 9.54 -14.93 0.53
C LEU A 129 9.91 -13.58 1.14
N GLU A 130 8.92 -12.75 1.43
CA GLU A 130 9.20 -11.42 2.01
C GLU A 130 9.83 -11.56 3.39
N HIS A 131 9.32 -12.48 4.22
CA HIS A 131 9.98 -12.76 5.48
C HIS A 131 11.40 -13.25 5.24
N ALA A 132 11.56 -14.18 4.30
CA ALA A 132 12.88 -14.81 4.16
C ALA A 132 13.92 -13.81 3.69
N ARG A 133 13.53 -12.86 2.82
CA ARG A 133 14.49 -11.86 2.36
C ARG A 133 14.97 -10.96 3.50
N THR A 134 14.18 -10.78 4.56
CA THR A 134 14.69 -9.97 5.66
C THR A 134 15.56 -10.77 6.64
N ARG A 135 15.69 -12.09 6.49
CA ARG A 135 16.31 -12.89 7.55
C ARG A 135 17.72 -13.39 7.22
N GLY A 136 18.23 -13.16 6.03
CA GLY A 136 19.60 -13.58 5.81
C GLY A 136 19.69 -14.80 4.89
N ARG A 137 20.94 -15.22 4.69
CA ARG A 137 21.28 -16.02 3.52
C ARG A 137 20.76 -17.44 3.64
N SER A 138 20.97 -18.08 4.78
CA SER A 138 20.54 -19.47 4.92
C SER A 138 19.03 -19.58 4.86
N THR A 139 18.32 -18.58 5.38
CA THR A 139 16.85 -18.60 5.34
C THR A 139 16.33 -18.31 3.92
N ARG A 140 16.98 -17.41 3.19
CA ARG A 140 16.62 -17.20 1.78
C ARG A 140 16.79 -18.48 0.98
N ALA A 141 17.87 -19.22 1.25
CA ALA A 141 18.10 -20.45 0.52
C ALA A 141 16.98 -21.45 0.78
N VAL A 142 16.43 -21.47 2.00
CA VAL A 142 15.33 -22.37 2.32
C VAL A 142 14.10 -22.05 1.48
N ALA A 143 13.77 -20.76 1.38
CA ALA A 143 12.61 -20.33 0.60
C ALA A 143 12.82 -20.57 -0.89
N GLU A 144 14.04 -20.32 -1.37
CA GLU A 144 14.32 -20.51 -2.79
C GLU A 144 14.33 -21.99 -3.15
N ALA A 145 14.85 -22.84 -2.27
CA ALA A 145 14.78 -24.28 -2.54
C ALA A 145 13.33 -24.76 -2.55
N PHE A 146 12.46 -24.18 -1.71
CA PHE A 146 11.03 -24.49 -1.79
C PHE A 146 10.47 -24.15 -3.17
N LEU A 147 10.84 -22.97 -3.69
CA LEU A 147 10.42 -22.58 -5.04
C LEU A 147 10.90 -23.58 -6.09
N ASP A 148 12.18 -23.95 -6.03
CA ASP A 148 12.70 -24.94 -6.98
C ASP A 148 11.85 -26.18 -6.96
N ARG A 149 11.49 -26.63 -5.75
CA ARG A 149 10.85 -27.91 -5.55
C ARG A 149 9.37 -27.87 -5.87
N ARG A 150 8.72 -26.71 -5.72
CA ARG A 150 7.26 -26.65 -5.79
C ARG A 150 6.69 -25.69 -6.84
N TRP A 151 7.51 -24.99 -7.61
CA TRP A 151 6.96 -24.09 -8.62
C TRP A 151 6.09 -24.86 -9.62
N GLY A 152 6.61 -25.97 -10.14
CA GLY A 152 5.82 -26.80 -11.05
C GLY A 152 4.48 -27.21 -10.48
N ASP A 153 4.46 -27.60 -9.18
CA ASP A 153 3.22 -27.97 -8.50
C ASP A 153 2.25 -26.79 -8.39
N LEU A 154 2.77 -25.60 -8.08
CA LEU A 154 1.91 -24.42 -8.02
C LEU A 154 1.36 -24.10 -9.40
N MET A 155 2.19 -24.18 -10.44
CA MET A 155 1.68 -23.98 -11.79
C MET A 155 0.56 -24.96 -12.11
N ARG A 156 0.75 -26.24 -11.73
CA ARG A 156 -0.25 -27.27 -12.06
C ARG A 156 -1.56 -27.01 -11.32
N TRP A 157 -1.48 -26.51 -10.08
CA TRP A 157 -2.65 -26.04 -9.34
C TRP A 157 -3.38 -24.93 -10.10
N HIS A 158 -2.69 -23.84 -10.42
CA HIS A 158 -3.31 -22.78 -11.18
C HIS A 158 -3.79 -23.26 -12.55
N ARG A 159 -3.03 -24.15 -13.22
CA ARG A 159 -3.48 -24.60 -14.54
C ARG A 159 -4.76 -25.44 -14.43
N TRP A 160 -4.86 -26.29 -13.39
CA TRP A 160 -6.08 -27.10 -13.23
C TRP A 160 -7.30 -26.21 -13.09
N LEU A 161 -7.21 -25.18 -12.24
CA LEU A 161 -8.33 -24.27 -12.06
C LEU A 161 -8.70 -23.61 -13.37
N ALA A 162 -7.67 -23.19 -14.12
CA ALA A 162 -7.91 -22.36 -15.29
C ALA A 162 -8.50 -23.17 -16.45
N GLU A 163 -8.11 -24.44 -16.56
CA GLU A 163 -8.54 -25.27 -17.69
C GLU A 163 -9.71 -26.19 -17.35
N CYS A 164 -9.75 -26.73 -16.12
CA CYS A 164 -10.76 -27.70 -15.74
C CYS A 164 -11.98 -27.08 -15.07
N ARG A 165 -11.79 -25.98 -14.34
CA ARG A 165 -12.90 -25.29 -13.70
C ARG A 165 -13.31 -24.02 -14.43
N ASP A 166 -12.65 -23.70 -15.55
CA ASP A 166 -13.12 -22.63 -16.45
C ASP A 166 -13.00 -23.14 -17.89
N ARG A 167 -13.79 -24.17 -18.18
CA ARG A 167 -13.65 -24.90 -19.45
C ARG A 167 -14.05 -24.04 -20.63
N ASN A 168 -14.98 -23.11 -20.44
CA ASN A 168 -15.45 -22.24 -21.50
C ASN A 168 -14.66 -20.94 -21.59
N GLU A 169 -13.60 -20.80 -20.79
CA GLU A 169 -12.78 -19.58 -20.81
C GLU A 169 -13.62 -18.33 -20.58
N ARG A 170 -14.57 -18.43 -19.65
CA ARG A 170 -15.34 -17.28 -19.18
C ARG A 170 -14.60 -16.45 -18.15
N GLY A 171 -13.47 -16.91 -17.64
CA GLY A 171 -12.78 -16.15 -16.62
C GLY A 171 -13.46 -16.13 -15.28
N ARG A 172 -14.26 -17.16 -14.96
CA ARG A 172 -14.80 -17.39 -13.63
C ARG A 172 -14.66 -18.87 -13.28
N ILE A 173 -14.52 -19.18 -12.00
CA ILE A 173 -14.30 -20.55 -11.53
C ILE A 173 -15.65 -21.20 -11.20
N THR A 174 -15.96 -22.32 -11.85
CA THR A 174 -17.13 -23.12 -11.51
C THR A 174 -16.86 -23.99 -10.28
N LEU A 175 -17.78 -23.98 -9.31
CA LEU A 175 -17.74 -24.87 -8.16
C LEU A 175 -18.82 -25.94 -8.25
N TYR A 176 -18.51 -27.15 -7.75
CA TYR A 176 -19.52 -28.22 -7.70
C TYR A 176 -20.00 -28.50 -6.28
N HIS A 177 -19.56 -27.68 -5.31
CA HIS A 177 -19.96 -27.84 -3.92
C HIS A 177 -19.74 -26.49 -3.24
N GLY A 178 -20.71 -26.08 -2.44
CA GLY A 178 -20.54 -24.85 -1.70
C GLY A 178 -19.36 -24.87 -0.75
N TRP A 179 -18.95 -26.06 -0.28
CA TRP A 179 -17.75 -26.13 0.55
C TRP A 179 -16.53 -25.55 -0.17
N GLU A 180 -16.47 -25.64 -1.51
CA GLU A 180 -15.30 -25.17 -2.23
C GLU A 180 -15.16 -23.65 -2.19
N SER A 181 -16.25 -22.94 -1.93
CA SER A 181 -16.17 -21.49 -1.86
C SER A 181 -15.53 -21.02 -0.57
N GLY A 182 -15.36 -21.92 0.40
CA GLY A 182 -14.99 -21.53 1.75
C GLY A 182 -16.13 -20.98 2.57
N MET A 183 -17.26 -20.65 1.96
CA MET A 183 -18.37 -20.02 2.67
C MET A 183 -19.57 -20.94 2.63
N ASP A 184 -19.54 -22.02 3.44
CA ASP A 184 -20.43 -23.15 3.23
C ASP A 184 -21.90 -22.73 3.20
N ASN A 185 -22.34 -22.00 4.23
CA ASN A 185 -23.76 -21.66 4.33
C ASN A 185 -24.05 -20.22 3.92
N SER A 186 -23.21 -19.61 3.10
CA SER A 186 -23.48 -18.25 2.66
C SER A 186 -24.83 -18.16 1.96
N PRO A 187 -25.58 -17.06 2.15
CA PRO A 187 -26.79 -16.87 1.34
C PRO A 187 -26.52 -16.93 -0.16
N ARG A 188 -25.28 -16.72 -0.60
CA ARG A 188 -24.95 -16.80 -2.01
C ARG A 188 -25.44 -18.12 -2.64
N TRP A 189 -25.47 -19.21 -1.88
CA TRP A 189 -25.74 -20.53 -2.47
C TRP A 189 -27.16 -21.03 -2.22
N ASP A 190 -28.02 -20.25 -1.54
CA ASP A 190 -29.32 -20.75 -1.10
C ASP A 190 -30.16 -21.24 -2.26
N SER A 191 -30.28 -20.44 -3.34
CA SER A 191 -31.17 -20.86 -4.42
C SER A 191 -30.54 -22.00 -5.21
N ALA A 192 -29.21 -22.05 -5.28
CA ALA A 192 -28.58 -23.21 -5.91
C ALA A 192 -28.81 -24.47 -5.10
N TYR A 193 -28.72 -24.36 -3.76
CA TYR A 193 -29.00 -25.54 -2.93
C TYR A 193 -30.45 -25.98 -3.00
N ALA A 194 -31.41 -25.04 -3.11
CA ALA A 194 -32.81 -25.43 -3.19
C ALA A 194 -33.09 -26.34 -4.38
N ASN A 195 -32.23 -26.33 -5.41
CA ASN A 195 -32.39 -27.20 -6.55
C ASN A 195 -31.57 -28.48 -6.46
N VAL A 196 -31.00 -28.77 -5.28
CA VAL A 196 -30.31 -30.02 -5.02
C VAL A 196 -31.29 -30.91 -4.28
N VAL A 197 -31.74 -32.00 -4.91
CA VAL A 197 -32.69 -32.97 -4.37
C VAL A 197 -31.94 -34.24 -4.02
N PRO A 198 -31.72 -34.53 -2.74
CA PRO A 198 -31.06 -35.79 -2.37
C PRO A 198 -31.93 -36.99 -2.75
N GLY A 199 -31.29 -37.97 -3.37
CA GLY A 199 -31.96 -39.24 -3.58
C GLY A 199 -31.79 -40.15 -2.38
N LYS A 200 -31.50 -41.42 -2.63
CA LYS A 200 -31.25 -42.41 -1.58
C LYS A 200 -29.92 -42.10 -0.91
N LEU A 201 -29.95 -41.36 0.20
CA LEU A 201 -28.73 -40.84 0.80
C LEU A 201 -28.37 -41.70 1.99
N PRO A 202 -27.18 -42.30 2.01
CA PRO A 202 -26.85 -43.25 3.09
C PRO A 202 -26.73 -42.53 4.42
N GLU A 203 -27.26 -43.18 5.46
CA GLU A 203 -27.38 -42.59 6.80
C GLU A 203 -26.09 -41.97 7.31
N TYR A 204 -26.18 -41.08 8.31
CA TYR A 204 -25.00 -40.47 8.89
C TYR A 204 -25.37 -39.68 10.13
N GLN A 205 -24.38 -39.48 11.00
CA GLN A 205 -24.48 -38.62 12.16
C GLN A 205 -23.45 -37.51 12.02
N ARG A 206 -23.87 -36.26 12.25
CA ARG A 206 -22.90 -35.17 12.28
C ARG A 206 -21.99 -35.31 13.49
N ALA A 207 -20.72 -34.95 13.30
CA ALA A 207 -19.81 -34.73 14.42
C ALA A 207 -19.57 -33.25 14.70
N ASP A 208 -19.85 -32.37 13.74
CA ASP A 208 -19.48 -30.96 13.87
C ASP A 208 -20.31 -30.25 14.94
N ASN A 209 -21.59 -30.61 15.10
CA ASN A 209 -22.43 -29.97 16.10
C ASN A 209 -22.47 -30.74 17.41
N VAL A 210 -21.64 -31.77 17.55
CA VAL A 210 -21.40 -32.30 18.89
C VAL A 210 -20.33 -31.47 19.58
N ILE A 211 -19.48 -30.81 18.81
CA ILE A 211 -18.43 -29.95 19.35
C ILE A 211 -18.92 -28.51 19.51
N ILE A 212 -19.52 -27.96 18.46
CA ILE A 212 -20.22 -26.68 18.51
C ILE A 212 -21.71 -26.99 18.62
N THR A 213 -22.25 -26.96 19.85
CA THR A 213 -23.59 -27.47 20.09
C THR A 213 -24.68 -26.40 20.00
N ASP A 214 -24.33 -25.12 20.07
CA ASP A 214 -25.31 -24.06 19.88
C ASP A 214 -25.82 -24.14 18.46
N PRO A 215 -27.09 -24.48 18.25
CA PRO A 215 -27.58 -24.69 16.87
C PRO A 215 -27.54 -23.42 16.01
N SER A 216 -27.48 -22.24 16.62
CA SER A 216 -27.48 -20.98 15.88
C SER A 216 -26.15 -20.67 15.20
N GLN A 217 -25.07 -21.39 15.52
CA GLN A 217 -23.74 -21.07 14.97
C GLN A 217 -23.30 -21.98 13.81
N ARG A 218 -24.01 -23.09 13.55
CA ARG A 218 -23.63 -24.02 12.48
C ARG A 218 -24.80 -24.17 11.50
N PRO A 219 -24.58 -24.73 10.30
CA PRO A 219 -25.71 -25.01 9.40
C PRO A 219 -26.64 -26.08 9.96
N SER A 220 -27.85 -26.14 9.39
CA SER A 220 -28.91 -27.03 9.87
C SER A 220 -28.76 -28.43 9.26
N ASP A 221 -29.55 -29.37 9.82
CA ASP A 221 -29.59 -30.72 9.28
C ASP A 221 -29.95 -30.72 7.80
N GLY A 222 -30.98 -29.98 7.41
CA GLY A 222 -31.39 -29.95 6.02
C GLY A 222 -30.27 -29.53 5.09
N GLU A 223 -29.44 -28.58 5.53
CA GLU A 223 -28.31 -28.17 4.71
C GLU A 223 -27.29 -29.30 4.57
N TYR A 224 -27.09 -30.07 5.65
CA TYR A 224 -26.07 -31.12 5.60
C TYR A 224 -26.49 -32.24 4.66
N ASP A 225 -27.78 -32.57 4.61
CA ASP A 225 -28.27 -33.60 3.68
C ASP A 225 -27.91 -33.25 2.25
N ARG A 226 -28.03 -31.96 1.88
CA ARG A 226 -27.64 -31.54 0.54
C ARG A 226 -26.13 -31.59 0.37
N TYR A 227 -25.37 -31.14 1.39
CA TYR A 227 -23.92 -31.21 1.30
C TYR A 227 -23.47 -32.62 1.05
N LEU A 228 -24.05 -33.58 1.77
CA LEU A 228 -23.61 -34.96 1.66
C LEU A 228 -24.10 -35.59 0.37
N TRP A 229 -25.26 -35.18 -0.15
CA TRP A 229 -25.72 -35.77 -1.40
C TRP A 229 -24.80 -35.41 -2.56
N LEU A 230 -24.30 -34.18 -2.59
CA LEU A 230 -23.38 -33.79 -3.65
C LEU A 230 -22.18 -34.74 -3.72
N LEU A 231 -21.68 -35.16 -2.55
CA LEU A 231 -20.61 -36.16 -2.52
C LEU A 231 -21.01 -37.43 -3.26
N GLU A 232 -22.25 -37.90 -3.08
CA GLU A 232 -22.70 -39.10 -3.80
C GLU A 232 -22.66 -38.90 -5.31
N GLU A 233 -23.00 -37.70 -5.79
CA GLU A 233 -22.98 -37.46 -7.23
C GLU A 233 -21.55 -37.48 -7.77
N MET A 234 -20.60 -36.92 -7.04
CA MET A 234 -19.20 -36.99 -7.44
C MET A 234 -18.69 -38.42 -7.40
N LYS A 235 -18.97 -39.12 -6.30
CA LYS A 235 -18.49 -40.49 -6.17
C LYS A 235 -19.05 -41.38 -7.27
N ALA A 236 -20.24 -41.06 -7.79
CA ALA A 236 -20.83 -41.94 -8.79
C ALA A 236 -20.12 -41.83 -10.12
N VAL A 237 -19.39 -40.75 -10.36
CA VAL A 237 -18.60 -40.62 -11.57
C VAL A 237 -17.12 -40.71 -11.24
N ARG A 238 -16.79 -41.20 -10.04
CA ARG A 238 -15.41 -41.39 -9.60
C ARG A 238 -14.59 -40.10 -9.72
N TYR A 239 -15.23 -38.97 -9.40
CA TYR A 239 -14.55 -37.69 -9.31
C TYR A 239 -13.90 -37.26 -10.64
N ASP A 240 -14.45 -37.77 -11.74
CA ASP A 240 -13.94 -37.48 -13.08
C ASP A 240 -14.32 -36.05 -13.50
N ASP A 241 -13.32 -35.16 -13.60
CA ASP A 241 -13.55 -33.80 -14.10
C ASP A 241 -14.49 -33.74 -15.29
N GLU A 242 -14.31 -34.65 -16.26
CA GLU A 242 -15.07 -34.60 -17.51
C GLU A 242 -16.54 -34.96 -17.34
N ARG A 243 -16.92 -35.63 -16.25
CA ARG A 243 -18.30 -36.05 -16.08
C ARG A 243 -19.08 -35.16 -15.12
N LEU A 244 -18.39 -34.39 -14.28
CA LEU A 244 -19.10 -33.59 -13.30
C LEU A 244 -20.11 -32.66 -13.97
N PRO A 245 -19.80 -31.98 -15.07
CA PRO A 245 -20.83 -31.11 -15.66
C PRO A 245 -22.10 -31.84 -16.02
N SER A 246 -22.03 -33.14 -16.32
CA SER A 246 -23.22 -33.86 -16.73
C SER A 246 -24.03 -34.38 -15.56
N VAL A 247 -23.48 -34.37 -14.34
CA VAL A 247 -24.13 -35.12 -13.26
C VAL A 247 -24.39 -34.22 -12.04
N MET A 248 -23.57 -33.18 -11.86
CA MET A 248 -23.63 -32.40 -10.62
C MET A 248 -24.91 -31.57 -10.55
N SER A 249 -25.65 -31.69 -9.44
CA SER A 249 -26.85 -30.89 -9.18
C SER A 249 -26.53 -29.49 -8.68
N PHE A 250 -25.25 -29.17 -8.46
CA PHE A 250 -24.81 -27.86 -7.96
C PHE A 250 -23.66 -27.41 -8.84
N GLN A 251 -23.86 -26.34 -9.60
CA GLN A 251 -22.83 -25.82 -10.54
C GLN A 251 -22.98 -24.31 -10.55
N VAL A 252 -22.08 -23.61 -9.87
CA VAL A 252 -22.12 -22.17 -9.75
C VAL A 252 -20.74 -21.62 -10.07
N GLU A 253 -20.73 -20.45 -10.69
CA GLU A 253 -19.48 -19.71 -10.85
C GLU A 253 -19.35 -18.80 -9.65
N ASP A 254 -18.21 -18.91 -8.95
CA ASP A 254 -17.97 -18.23 -7.68
C ASP A 254 -17.11 -17.01 -7.97
N VAL A 255 -17.69 -15.81 -7.84
CA VAL A 255 -16.94 -14.65 -8.28
C VAL A 255 -15.87 -14.27 -7.26
N PHE A 256 -16.07 -14.58 -5.97
CA PHE A 256 -15.05 -14.29 -4.96
C PHE A 256 -13.82 -15.16 -5.15
N PHE A 257 -14.05 -16.46 -5.33
CA PHE A 257 -12.99 -17.40 -5.68
C PHE A 257 -12.29 -16.93 -6.96
N SER A 258 -13.06 -16.43 -7.93
CA SER A 258 -12.47 -16.01 -9.20
C SER A 258 -11.54 -14.80 -9.00
N ALA A 259 -11.94 -13.84 -8.19
CA ALA A 259 -11.10 -12.67 -7.91
C ALA A 259 -9.82 -13.07 -7.16
N ILE A 260 -9.94 -13.95 -6.16
CA ILE A 260 -8.76 -14.46 -5.47
C ILE A 260 -7.80 -15.08 -6.47
N PHE A 261 -8.34 -15.83 -7.42
CA PHE A 261 -7.47 -16.50 -8.38
C PHE A 261 -6.75 -15.47 -9.24
N SER A 262 -7.47 -14.43 -9.68
CA SER A 262 -6.85 -13.38 -10.46
C SER A 262 -5.66 -12.77 -9.72
N VAL A 263 -5.87 -12.41 -8.44
CA VAL A 263 -4.80 -11.88 -7.59
C VAL A 263 -3.69 -12.91 -7.45
N ALA A 264 -4.05 -14.16 -7.15
CA ALA A 264 -3.04 -15.19 -6.95
C ALA A 264 -2.17 -15.38 -8.18
N CYS A 265 -2.80 -15.41 -9.36
CA CYS A 265 -2.04 -15.54 -10.60
C CYS A 265 -1.07 -14.39 -10.73
N GLN A 266 -1.53 -13.18 -10.44
CA GLN A 266 -0.63 -12.04 -10.63
C GLN A 266 0.52 -12.11 -9.66
N VAL A 267 0.24 -12.50 -8.40
CA VAL A 267 1.28 -12.65 -7.39
C VAL A 267 2.30 -13.70 -7.81
N LEU A 268 1.81 -14.86 -8.29
CA LEU A 268 2.70 -15.95 -8.66
C LEU A 268 3.50 -15.60 -9.90
N ALA A 269 2.90 -14.86 -10.84
CA ALA A 269 3.65 -14.36 -11.99
C ALA A 269 4.81 -13.47 -11.52
N GLU A 270 4.53 -12.57 -10.58
CA GLU A 270 5.58 -11.66 -10.11
C GLU A 270 6.68 -12.43 -9.41
N ILE A 271 6.32 -13.45 -8.65
CA ILE A 271 7.32 -14.35 -8.08
C ILE A 271 8.13 -15.04 -9.17
N GLY A 272 7.49 -15.51 -10.23
CA GLY A 272 8.24 -16.26 -11.23
C GLY A 272 9.21 -15.34 -11.97
N GLU A 273 8.85 -14.08 -12.12
CA GLU A 273 9.78 -13.12 -12.73
C GLU A 273 10.96 -12.87 -11.80
N ASP A 274 10.69 -12.61 -10.53
CA ASP A 274 11.77 -12.35 -9.57
C ASP A 274 12.72 -13.53 -9.46
N TYR A 275 12.21 -14.75 -9.55
CA TYR A 275 13.03 -15.93 -9.26
C TYR A 275 13.35 -16.71 -10.53
N LYS A 276 13.17 -16.06 -11.70
CA LYS A 276 13.65 -16.59 -12.97
C LYS A 276 13.04 -17.94 -13.33
N ARG A 277 11.74 -18.12 -13.03
CA ARG A 277 10.97 -19.29 -13.47
C ARG A 277 10.74 -19.24 -14.99
N PRO A 278 10.35 -20.36 -15.64
CA PRO A 278 10.22 -20.34 -17.11
C PRO A 278 9.27 -19.25 -17.61
N HIS A 279 9.68 -18.58 -18.67
CA HIS A 279 8.89 -17.46 -19.17
C HIS A 279 7.49 -17.90 -19.61
N ALA A 280 7.38 -19.09 -20.20
CA ALA A 280 6.04 -19.54 -20.60
C ALA A 280 5.10 -19.66 -19.41
N ASP A 281 5.63 -19.93 -18.22
CA ASP A 281 4.77 -20.01 -17.05
C ASP A 281 4.31 -18.63 -16.62
N VAL A 282 5.24 -17.69 -16.52
CA VAL A 282 4.89 -16.32 -16.17
C VAL A 282 3.84 -15.79 -17.15
N LYS A 283 4.04 -16.02 -18.46
CA LYS A 283 3.06 -15.56 -19.45
C LYS A 283 1.69 -16.15 -19.19
N ASP A 284 1.61 -17.48 -18.96
CA ASP A 284 0.33 -18.09 -18.62
C ASP A 284 -0.29 -17.43 -17.40
N LEU A 285 0.49 -17.18 -16.35
CA LEU A 285 -0.08 -16.62 -15.13
C LEU A 285 -0.65 -15.21 -15.38
N TYR A 286 0.08 -14.35 -16.09
CA TYR A 286 -0.42 -13.02 -16.38
C TYR A 286 -1.67 -13.08 -17.26
N LEU A 287 -1.70 -14.03 -18.20
CA LEU A 287 -2.90 -14.25 -19.00
C LEU A 287 -4.10 -14.59 -18.12
N TRP A 288 -3.95 -15.56 -17.22
CA TRP A 288 -5.07 -15.96 -16.35
C TRP A 288 -5.46 -14.81 -15.42
N ALA A 289 -4.48 -14.08 -14.89
CA ALA A 289 -4.77 -12.93 -14.03
C ALA A 289 -5.75 -11.98 -14.72
N GLU A 290 -5.46 -11.64 -15.98
CA GLU A 290 -6.31 -10.71 -16.71
C GLU A 290 -7.66 -11.36 -17.06
N ARG A 291 -7.63 -12.62 -17.46
CA ARG A 291 -8.87 -13.27 -17.87
C ARG A 291 -9.85 -13.32 -16.70
N PHE A 292 -9.37 -13.65 -15.49
CA PHE A 292 -10.26 -13.76 -14.34
C PHE A 292 -10.62 -12.39 -13.79
N ARG A 293 -9.76 -11.41 -13.96
CA ARG A 293 -10.14 -10.03 -13.66
C ARG A 293 -11.32 -9.60 -14.54
N ALA A 294 -11.23 -9.87 -15.84
CA ALA A 294 -12.32 -9.47 -16.71
C ALA A 294 -13.57 -10.31 -16.45
N GLY A 295 -13.41 -11.58 -16.10
CA GLY A 295 -14.57 -12.40 -15.78
C GLY A 295 -15.29 -11.93 -14.54
N VAL A 296 -14.54 -11.41 -13.55
CA VAL A 296 -15.17 -10.86 -12.36
C VAL A 296 -15.93 -9.59 -12.72
N VAL A 297 -15.29 -8.69 -13.48
CA VAL A 297 -15.92 -7.40 -13.79
C VAL A 297 -17.18 -7.60 -14.62
N GLU A 298 -17.17 -8.62 -15.48
CA GLU A 298 -18.34 -8.90 -16.31
C GLU A 298 -19.59 -9.15 -15.47
N THR A 299 -19.43 -9.65 -14.23
CA THR A 299 -20.59 -9.97 -13.37
C THR A 299 -21.23 -8.76 -12.72
N THR A 300 -20.62 -7.57 -12.80
CA THR A 300 -20.90 -6.55 -11.81
C THR A 300 -22.12 -5.70 -12.13
N ASP A 301 -22.77 -5.25 -11.06
CA ASP A 301 -23.90 -4.34 -11.15
C ASP A 301 -23.45 -3.03 -11.78
N GLN A 302 -24.23 -2.54 -12.75
CA GLN A 302 -23.87 -1.32 -13.48
C GLN A 302 -23.91 -0.07 -12.62
N ARG A 303 -24.69 -0.07 -11.54
CA ARG A 303 -24.76 1.12 -10.70
C ARG A 303 -23.73 1.06 -9.57
N THR A 304 -23.65 -0.07 -8.87
CA THR A 304 -22.86 -0.14 -7.64
C THR A 304 -21.56 -0.89 -7.80
N GLY A 305 -21.35 -1.58 -8.93
CA GLY A 305 -20.15 -2.37 -9.08
C GLY A 305 -20.16 -3.70 -8.36
N ALA A 306 -21.24 -4.05 -7.68
CA ALA A 306 -21.28 -5.29 -6.92
C ALA A 306 -21.15 -6.52 -7.82
N ALA A 307 -20.27 -7.44 -7.46
CA ALA A 307 -20.09 -8.68 -8.22
C ALA A 307 -21.15 -9.72 -7.86
N ARG A 308 -21.61 -10.45 -8.87
CA ARG A 308 -22.64 -11.46 -8.71
C ARG A 308 -22.08 -12.83 -9.05
N ASP A 309 -22.46 -13.84 -8.26
CA ASP A 309 -22.19 -15.21 -8.66
C ASP A 309 -23.18 -15.62 -9.76
N PHE A 310 -22.90 -16.73 -10.43
CA PHE A 310 -23.70 -17.16 -11.57
C PHE A 310 -24.06 -18.62 -11.39
N ASP A 311 -25.35 -18.94 -11.46
CA ASP A 311 -25.80 -20.32 -11.36
C ASP A 311 -25.77 -20.92 -12.76
N VAL A 312 -24.81 -21.83 -13.01
CA VAL A 312 -24.58 -22.34 -14.36
C VAL A 312 -25.77 -23.18 -14.82
N LEU A 313 -26.37 -23.98 -13.91
CA LEU A 313 -27.52 -24.81 -14.29
C LEU A 313 -28.76 -23.97 -14.59
N ALA A 314 -29.11 -23.06 -13.69
CA ALA A 314 -30.23 -22.17 -13.92
C ALA A 314 -29.92 -21.08 -14.94
N GLU A 315 -28.65 -20.84 -15.27
CA GLU A 315 -28.24 -19.75 -16.18
C GLU A 315 -28.77 -18.40 -15.72
N LYS A 316 -28.55 -18.11 -14.43
CA LYS A 316 -29.13 -16.94 -13.79
C LYS A 316 -28.12 -16.32 -12.83
N TRP A 317 -28.04 -14.99 -12.83
CA TRP A 317 -27.18 -14.30 -11.90
C TRP A 317 -27.74 -14.44 -10.50
N LEU A 318 -26.85 -14.64 -9.53
CA LEU A 318 -27.24 -14.76 -8.14
C LEU A 318 -26.97 -13.42 -7.46
N VAL A 319 -28.05 -12.73 -7.06
CA VAL A 319 -27.97 -11.42 -6.43
C VAL A 319 -28.18 -11.60 -4.93
N THR A 320 -27.12 -11.45 -4.15
CA THR A 320 -27.22 -11.49 -2.70
C THR A 320 -26.35 -10.37 -2.13
N GLU A 321 -26.52 -10.09 -0.84
CA GLU A 321 -25.82 -8.99 -0.17
C GLU A 321 -24.78 -9.50 0.80
N THR A 322 -23.74 -10.15 0.27
CA THR A 322 -22.67 -10.67 1.12
C THR A 322 -21.34 -10.00 0.78
N ALA A 323 -20.34 -10.28 1.63
CA ALA A 323 -18.99 -9.75 1.41
C ALA A 323 -18.43 -10.14 0.06
N ALA A 324 -18.97 -11.18 -0.56
CA ALA A 324 -18.43 -11.61 -1.85
C ALA A 324 -18.70 -10.57 -2.94
N GLN A 325 -19.77 -9.77 -2.80
CA GLN A 325 -20.00 -8.65 -3.72
C GLN A 325 -18.76 -7.80 -3.97
N PHE A 326 -17.87 -7.72 -3.00
CA PHE A 326 -16.71 -6.83 -3.10
C PHE A 326 -15.52 -7.51 -3.77
N ALA A 327 -15.71 -8.71 -4.35
CA ALA A 327 -14.66 -9.35 -5.15
C ALA A 327 -13.90 -8.40 -6.07
N PRO A 328 -14.53 -7.52 -6.86
CA PRO A 328 -13.74 -6.68 -7.76
C PRO A 328 -12.76 -5.77 -7.04
N LEU A 329 -12.96 -5.46 -5.75
CA LEU A 329 -11.98 -4.60 -5.10
C LEU A 329 -10.67 -5.33 -4.89
N LEU A 330 -10.71 -6.66 -4.81
CA LEU A 330 -9.49 -7.44 -4.61
C LEU A 330 -8.63 -7.44 -5.86
N CYS A 331 -9.24 -7.62 -7.02
CA CYS A 331 -8.48 -7.92 -8.23
C CYS A 331 -8.38 -6.74 -9.18
N GLY A 332 -9.13 -5.68 -8.93
CA GLY A 332 -9.14 -4.53 -9.82
C GLY A 332 -9.91 -4.82 -11.09
N GLY A 333 -9.98 -3.81 -11.95
CA GLY A 333 -10.60 -3.93 -13.24
C GLY A 333 -11.85 -3.11 -13.43
N LEU A 334 -12.50 -2.63 -12.37
CA LEU A 334 -13.73 -1.87 -12.58
C LEU A 334 -13.42 -0.49 -13.17
N PRO A 335 -14.30 0.07 -14.00
CA PRO A 335 -14.13 1.48 -14.36
C PRO A 335 -14.08 2.32 -13.09
N HIS A 336 -13.30 3.39 -13.17
CA HIS A 336 -13.03 4.21 -12.00
C HIS A 336 -14.30 4.58 -11.24
N ASP A 337 -15.32 5.06 -11.95
CA ASP A 337 -16.54 5.53 -11.31
C ASP A 337 -17.26 4.40 -10.59
N ARG A 338 -17.36 3.23 -11.19
CA ARG A 338 -18.08 2.15 -10.51
C ARG A 338 -17.30 1.59 -9.34
N GLU A 339 -15.98 1.72 -9.33
CA GLU A 339 -15.26 1.24 -8.15
C GLU A 339 -15.43 2.20 -6.98
N ARG A 340 -15.56 3.50 -7.28
CA ARG A 340 -15.89 4.45 -6.22
C ARG A 340 -17.25 4.11 -5.62
N ALA A 341 -18.25 3.86 -6.47
CA ALA A 341 -19.55 3.38 -5.99
C ALA A 341 -19.41 2.13 -5.13
N LEU A 342 -18.63 1.14 -5.59
CA LEU A 342 -18.48 -0.10 -4.83
C LEU A 342 -17.83 0.15 -3.48
N LEU A 343 -16.80 1.01 -3.45
CA LEU A 343 -16.18 1.35 -2.18
C LEU A 343 -17.18 2.03 -1.27
N LYS A 344 -18.02 2.88 -1.86
CA LYS A 344 -19.06 3.55 -1.08
C LYS A 344 -20.01 2.52 -0.47
N LEU A 345 -20.32 1.45 -1.19
CA LEU A 345 -21.18 0.41 -0.64
C LEU A 345 -20.49 -0.29 0.53
N LEU A 346 -19.20 -0.56 0.39
CA LEU A 346 -18.47 -1.26 1.43
C LEU A 346 -18.44 -0.46 2.73
N GLU A 347 -18.28 0.86 2.61
CA GLU A 347 -18.01 1.73 3.75
C GLU A 347 -19.28 2.30 4.36
N GLY A 348 -20.41 2.14 3.70
CA GLY A 348 -21.65 2.74 4.16
C GLY A 348 -22.48 1.87 5.10
N PRO A 349 -23.74 2.26 5.30
CA PRO A 349 -24.57 1.64 6.35
C PRO A 349 -24.96 0.20 6.06
N ARG A 350 -24.82 -0.28 4.83
CA ARG A 350 -25.14 -1.67 4.55
C ARG A 350 -24.02 -2.60 4.96
N PHE A 351 -22.77 -2.13 5.02
CA PHE A 351 -21.68 -2.97 5.50
C PHE A 351 -20.87 -2.30 6.61
N CYS A 352 -19.65 -1.83 6.34
CA CYS A 352 -18.75 -1.49 7.46
C CYS A 352 -19.25 -0.30 8.27
N GLY A 353 -20.05 0.57 7.67
CA GLY A 353 -20.55 1.72 8.39
C GLY A 353 -21.89 1.51 9.03
N HIS A 354 -22.33 0.24 9.16
CA HIS A 354 -23.61 0.00 9.83
C HIS A 354 -23.50 0.51 11.27
N PRO A 355 -24.49 1.25 11.76
CA PRO A 355 -24.30 1.93 13.05
C PRO A 355 -24.28 0.99 14.26
N ASP A 356 -24.69 -0.26 14.14
CA ASP A 356 -24.71 -1.15 15.30
C ASP A 356 -23.48 -2.04 15.40
N LEU A 357 -22.53 -1.93 14.48
CA LEU A 357 -21.36 -2.80 14.49
C LEU A 357 -20.40 -2.43 15.60
N LYS A 358 -19.90 -3.43 16.32
CA LYS A 358 -18.89 -3.16 17.32
C LYS A 358 -17.59 -2.65 16.69
N TYR A 359 -17.17 -3.21 15.54
CA TYR A 359 -15.93 -2.84 14.88
C TYR A 359 -16.20 -2.35 13.45
N GLY A 360 -15.30 -1.52 12.95
CA GLY A 360 -15.37 -1.10 11.56
C GLY A 360 -14.85 -2.17 10.62
N LEU A 361 -15.59 -3.27 10.52
CA LEU A 361 -15.17 -4.46 9.82
C LEU A 361 -16.29 -4.92 8.89
N ILE A 362 -15.98 -5.88 8.02
CA ILE A 362 -16.90 -6.31 6.98
C ILE A 362 -17.71 -7.50 7.49
N PRO A 363 -19.01 -7.37 7.71
CA PRO A 363 -19.82 -8.56 8.04
C PRO A 363 -19.97 -9.46 6.83
N SER A 364 -20.10 -10.77 7.10
CA SER A 364 -20.12 -11.71 5.97
C SER A 364 -21.38 -11.54 5.13
N THR A 365 -22.48 -11.11 5.76
CA THR A 365 -23.72 -10.73 5.08
C THR A 365 -24.11 -9.37 5.63
N SER A 366 -24.71 -8.54 4.79
CA SER A 366 -25.11 -7.21 5.23
C SER A 366 -26.11 -7.29 6.38
N PRO A 367 -25.92 -6.52 7.44
CA PRO A 367 -26.90 -6.48 8.55
C PRO A 367 -28.31 -6.09 8.13
N VAL A 368 -28.50 -5.47 6.97
CA VAL A 368 -29.85 -5.06 6.58
C VAL A 368 -30.50 -6.04 5.63
N SER A 369 -29.80 -7.09 5.22
CA SER A 369 -30.38 -8.11 4.33
C SER A 369 -31.35 -9.00 5.07
N ARG A 370 -32.43 -9.40 4.39
CA ARG A 370 -33.35 -10.41 4.93
C ARG A 370 -32.63 -11.70 5.34
N ASP A 371 -31.47 -11.99 4.74
CA ASP A 371 -30.75 -13.22 5.00
C ASP A 371 -29.85 -13.13 6.21
N PHE A 372 -29.71 -11.95 6.79
CA PHE A 372 -28.76 -11.71 7.87
C PHE A 372 -29.13 -12.51 9.12
N ARG A 373 -28.16 -13.21 9.68
CA ARG A 373 -28.32 -13.89 10.96
C ARG A 373 -27.09 -13.63 11.80
N PRO A 374 -27.20 -12.91 12.92
CA PRO A 374 -25.99 -12.39 13.59
C PRO A 374 -25.04 -13.47 14.12
N ARG A 375 -25.52 -14.70 14.34
CA ARG A 375 -24.66 -15.75 14.89
C ARG A 375 -24.30 -16.85 13.90
N GLU A 376 -24.90 -16.86 12.70
CA GLU A 376 -24.97 -18.09 11.88
C GLU A 376 -23.89 -18.11 10.80
N TYR A 377 -22.65 -18.38 11.24
CA TYR A 377 -21.58 -18.81 10.36
C TYR A 377 -21.25 -17.74 9.31
N TRP A 378 -21.59 -17.95 8.05
CA TRP A 378 -21.29 -16.95 7.01
C TRP A 378 -22.50 -16.08 6.66
N ARG A 379 -23.58 -16.16 7.45
CA ARG A 379 -24.78 -15.38 7.20
C ARG A 379 -24.79 -14.04 7.95
N GLY A 380 -23.64 -13.49 8.33
CA GLY A 380 -23.64 -12.27 9.11
C GLY A 380 -22.38 -12.01 9.92
N PRO A 381 -21.88 -13.02 10.66
CA PRO A 381 -20.69 -12.78 11.49
C PRO A 381 -19.49 -12.19 10.77
N VAL A 382 -18.63 -11.54 11.54
CA VAL A 382 -17.38 -10.98 11.05
C VAL A 382 -16.30 -12.04 11.19
N TRP A 383 -15.61 -12.33 10.08
CA TRP A 383 -14.56 -13.35 9.99
C TRP A 383 -13.17 -12.71 9.85
N PRO A 384 -12.27 -12.87 10.82
CA PRO A 384 -10.92 -12.27 10.69
C PRO A 384 -10.22 -12.66 9.42
N VAL A 385 -10.47 -13.86 8.89
CA VAL A 385 -9.85 -14.27 7.63
C VAL A 385 -10.24 -13.32 6.50
N LEU A 386 -11.51 -12.91 6.44
CA LEU A 386 -11.92 -11.97 5.41
C LEU A 386 -11.26 -10.60 5.60
N THR A 387 -11.28 -10.10 6.84
CA THR A 387 -10.56 -8.88 7.16
C THR A 387 -9.15 -8.91 6.64
N TRP A 388 -8.45 -10.02 6.87
CA TRP A 388 -7.04 -10.07 6.50
C TRP A 388 -6.90 -10.01 4.99
N LEU A 389 -7.70 -10.80 4.28
CA LEU A 389 -7.58 -10.84 2.83
C LEU A 389 -7.93 -9.48 2.23
N PHE A 390 -8.99 -8.84 2.73
CA PHE A 390 -9.33 -7.53 2.22
C PHE A 390 -8.22 -6.53 2.53
N SER A 391 -7.65 -6.58 3.72
N SER A 391 -7.67 -6.58 3.73
CA SER A 391 -6.66 -5.58 4.07
CA SER A 391 -6.64 -5.63 4.14
C SER A 391 -5.40 -5.78 3.26
C SER A 391 -5.42 -5.79 3.28
N TRP A 392 -4.99 -7.04 3.07
CA TRP A 392 -3.81 -7.30 2.28
C TRP A 392 -4.02 -6.89 0.82
N CYS A 393 -5.16 -7.27 0.23
CA CYS A 393 -5.42 -6.91 -1.16
C CYS A 393 -5.62 -5.40 -1.31
N PHE A 394 -6.21 -4.74 -0.31
CA PHE A 394 -6.36 -3.28 -0.39
C PHE A 394 -4.99 -2.63 -0.43
N ALA A 395 -4.08 -3.09 0.44
CA ALA A 395 -2.73 -2.52 0.44
C ALA A 395 -2.06 -2.70 -0.90
N ARG A 396 -2.31 -3.84 -1.56
CA ARG A 396 -1.78 -4.08 -2.89
C ARG A 396 -2.41 -3.17 -3.94
N ARG A 397 -3.67 -2.76 -3.76
CA ARG A 397 -4.26 -1.76 -4.65
C ARG A 397 -3.68 -0.37 -4.42
N GLY A 398 -2.88 -0.18 -3.36
CA GLY A 398 -2.40 1.15 -2.98
C GLY A 398 -3.29 1.91 -2.03
N TRP A 399 -4.34 1.27 -1.50
CA TRP A 399 -5.25 1.93 -0.55
C TRP A 399 -4.71 1.72 0.87
N ALA A 400 -3.60 2.40 1.15
CA ALA A 400 -2.84 2.14 2.36
C ALA A 400 -3.65 2.46 3.61
N GLU A 401 -4.39 3.57 3.61
CA GLU A 401 -5.17 3.91 4.79
C GLU A 401 -6.36 2.94 4.99
N ARG A 402 -7.06 2.57 3.90
CA ARG A 402 -8.12 1.57 4.03
C ARG A 402 -7.58 0.27 4.61
N ALA A 403 -6.47 -0.22 4.08
CA ALA A 403 -5.86 -1.46 4.57
C ALA A 403 -5.50 -1.33 6.04
N ARG A 404 -4.92 -0.18 6.41
CA ARG A 404 -4.53 0.07 7.79
C ARG A 404 -5.74 0.01 8.73
N LEU A 405 -6.84 0.68 8.35
CA LEU A 405 -8.00 0.72 9.23
C LEU A 405 -8.58 -0.69 9.47
N LEU A 406 -8.65 -1.52 8.43
CA LEU A 406 -9.11 -2.89 8.61
C LEU A 406 -8.19 -3.67 9.54
N ARG A 407 -6.87 -3.49 9.39
N ARG A 407 -6.87 -3.48 9.39
CA ARG A 407 -5.94 -4.17 10.29
CA ARG A 407 -5.90 -4.14 10.27
C ARG A 407 -6.12 -3.68 11.72
C ARG A 407 -6.06 -3.66 11.70
N GLN A 408 -6.26 -2.36 11.90
CA GLN A 408 -6.44 -1.81 13.25
C GLN A 408 -7.70 -2.39 13.92
N GLU A 409 -8.82 -2.42 13.20
CA GLU A 409 -10.06 -2.94 13.76
C GLU A 409 -9.98 -4.45 13.98
N GLY A 410 -9.29 -5.16 13.08
CA GLY A 410 -9.11 -6.61 13.26
C GLY A 410 -8.26 -6.95 14.49
N LEU A 411 -7.19 -6.20 14.73
CA LEU A 411 -6.41 -6.42 15.94
C LEU A 411 -7.23 -6.13 17.18
N ARG A 412 -8.07 -5.09 17.13
CA ARG A 412 -8.85 -4.73 18.31
C ARG A 412 -9.88 -5.81 18.62
N GLN A 413 -10.58 -6.31 17.60
CA GLN A 413 -11.48 -7.45 17.79
C GLN A 413 -10.73 -8.68 18.30
N ALA A 414 -9.54 -8.94 17.74
CA ALA A 414 -8.83 -10.16 18.10
C ALA A 414 -8.14 -10.05 19.45
N SER A 415 -8.11 -8.86 20.05
N SER A 415 -8.12 -8.86 20.06
CA SER A 415 -7.32 -8.67 21.26
CA SER A 415 -7.30 -8.68 21.25
C SER A 415 -7.87 -9.40 22.46
C SER A 415 -7.84 -9.45 22.45
N ASP A 416 -9.01 -10.09 22.34
CA ASP A 416 -9.51 -10.89 23.46
C ASP A 416 -8.74 -12.19 23.59
N GLY A 417 -7.96 -12.57 22.58
CA GLY A 417 -7.24 -13.82 22.61
C GLY A 417 -8.05 -15.08 22.39
N SER A 418 -9.32 -14.99 21.94
CA SER A 418 -10.09 -16.21 21.70
C SER A 418 -9.64 -16.92 20.44
N PHE A 419 -9.13 -16.16 19.46
CA PHE A 419 -8.75 -16.71 18.16
C PHE A 419 -9.92 -17.47 17.56
N ALA A 420 -11.11 -16.90 17.68
CA ALA A 420 -12.29 -17.47 17.06
C ALA A 420 -12.20 -17.28 15.55
N ALA A 421 -12.94 -18.13 14.83
CA ALA A 421 -13.04 -17.95 13.38
C ALA A 421 -14.03 -16.86 12.99
N TYR A 422 -15.06 -16.61 13.79
CA TYR A 422 -15.95 -15.52 13.47
C TYR A 422 -16.54 -14.94 14.75
N TYR A 423 -17.05 -13.70 14.64
CA TYR A 423 -17.50 -12.90 15.78
C TYR A 423 -18.87 -12.31 15.52
N GLU A 424 -19.68 -12.23 16.57
CA GLU A 424 -20.97 -11.60 16.48
C GLU A 424 -20.78 -10.13 16.11
N PRO A 425 -21.44 -9.63 15.05
CA PRO A 425 -21.06 -8.32 14.49
C PRO A 425 -21.40 -7.14 15.39
N PHE A 426 -22.33 -7.31 16.32
CA PHE A 426 -22.88 -6.25 17.15
C PHE A 426 -22.27 -6.26 18.56
N THR A 427 -22.16 -7.43 19.16
CA THR A 427 -21.67 -7.55 20.52
C THR A 427 -20.17 -7.84 20.56
N GLY A 428 -19.60 -8.29 19.45
CA GLY A 428 -18.23 -8.78 19.45
C GLY A 428 -18.04 -10.16 20.06
N GLU A 429 -19.09 -10.88 20.42
CA GLU A 429 -18.91 -12.18 21.08
C GLU A 429 -18.20 -13.15 20.13
N PRO A 430 -17.16 -13.83 20.58
CA PRO A 430 -16.51 -14.86 19.74
C PRO A 430 -17.43 -16.04 19.51
N LEU A 431 -17.44 -16.54 18.29
CA LEU A 431 -18.39 -17.57 17.91
C LEU A 431 -17.67 -18.79 17.33
N GLY A 432 -18.42 -19.89 17.21
CA GLY A 432 -17.86 -21.06 16.57
C GLY A 432 -16.75 -21.65 17.42
N SER A 433 -15.77 -22.25 16.75
CA SER A 433 -14.66 -22.86 17.47
C SER A 433 -13.69 -21.79 17.91
N MET A 434 -13.26 -21.87 19.16
CA MET A 434 -12.09 -21.10 19.54
C MET A 434 -10.85 -21.77 18.95
N GLN A 435 -9.70 -21.11 19.11
CA GLN A 435 -8.43 -21.70 18.79
C GLN A 435 -8.27 -22.02 17.30
N GLN A 436 -8.85 -21.20 16.43
CA GLN A 436 -8.71 -21.40 14.99
C GLN A 436 -7.35 -20.91 14.53
N SER A 437 -6.57 -21.81 13.93
CA SER A 437 -5.20 -21.47 13.52
C SER A 437 -5.15 -20.25 12.59
N TRP A 438 -6.10 -20.11 11.66
CA TRP A 438 -5.88 -19.04 10.71
C TRP A 438 -6.20 -17.68 11.30
N THR A 439 -6.94 -17.62 12.41
CA THR A 439 -7.10 -16.34 13.10
C THR A 439 -5.82 -15.96 13.83
N ALA A 440 -5.17 -16.94 14.48
CA ALA A 440 -3.86 -16.71 15.06
C ALA A 440 -2.89 -16.24 14.01
N ALA A 441 -2.96 -16.85 12.81
CA ALA A 441 -2.05 -16.48 11.73
C ALA A 441 -2.28 -15.05 11.26
N ALA A 442 -3.54 -14.65 11.10
N ALA A 442 -3.54 -14.65 11.10
CA ALA A 442 -3.82 -13.26 10.72
CA ALA A 442 -3.82 -13.26 10.72
C ALA A 442 -3.26 -12.31 11.75
C ALA A 442 -3.26 -12.31 11.75
N VAL A 443 -3.44 -12.62 13.04
CA VAL A 443 -2.99 -11.73 14.10
C VAL A 443 -1.48 -11.59 14.05
N LEU A 444 -0.78 -12.72 13.90
CA LEU A 444 0.68 -12.67 13.83
C LEU A 444 1.16 -11.85 12.63
N ASP A 445 0.55 -12.06 11.47
CA ASP A 445 0.94 -11.25 10.31
C ASP A 445 0.65 -9.77 10.54
N TRP A 446 -0.53 -9.43 11.07
CA TRP A 446 -0.84 -8.02 11.34
C TRP A 446 0.12 -7.39 12.32
N LEU A 447 0.47 -8.09 13.40
CA LEU A 447 1.26 -7.45 14.45
C LEU A 447 2.67 -7.17 13.96
N GLY A 448 3.23 -8.05 13.14
CA GLY A 448 4.58 -7.82 12.65
C GLY A 448 5.51 -7.74 13.85
N PRO B 4 24.29 5.76 27.24
CA PRO B 4 25.58 5.10 27.02
C PRO B 4 25.50 3.87 26.11
N HIS B 5 25.10 2.71 26.66
CA HIS B 5 25.05 1.48 25.87
C HIS B 5 24.10 1.60 24.68
N ASP B 6 23.01 2.36 24.83
CA ASP B 6 21.94 2.40 23.84
C ASP B 6 21.45 3.83 23.72
N PRO B 7 22.15 4.67 22.96
CA PRO B 7 21.72 6.08 22.81
C PRO B 7 20.41 6.26 22.05
N SER B 8 19.77 5.19 21.61
CA SER B 8 18.52 5.32 20.88
C SER B 8 17.34 5.51 21.84
N PHE B 9 16.31 6.15 21.34
CA PHE B 9 15.07 6.37 22.07
C PHE B 9 14.02 5.34 21.68
N THR B 10 13.16 4.98 22.64
CA THR B 10 12.01 4.12 22.39
C THR B 10 11.05 4.82 21.43
N PRO B 11 10.15 4.06 20.78
CA PRO B 11 9.18 4.71 19.88
C PRO B 11 8.38 5.82 20.56
N THR B 12 7.91 5.60 21.80
CA THR B 12 7.16 6.65 22.49
C THR B 12 8.04 7.83 22.88
N GLN B 13 9.27 7.58 23.31
CA GLN B 13 10.14 8.72 23.62
C GLN B 13 10.41 9.52 22.36
N LEU B 14 10.59 8.83 21.22
CA LEU B 14 10.92 9.47 19.96
C LEU B 14 9.73 10.28 19.44
N ALA B 15 8.52 9.72 19.55
CA ALA B 15 7.33 10.47 19.16
C ALA B 15 7.15 11.74 20.03
N ALA B 16 7.37 11.62 21.34
CA ALA B 16 7.24 12.76 22.21
C ALA B 16 8.24 13.84 21.85
N ARG B 17 9.50 13.45 21.65
N ARG B 17 9.50 13.45 21.63
CA ARG B 17 10.53 14.43 21.31
CA ARG B 17 10.53 14.44 21.31
C ARG B 17 10.27 15.06 19.94
C ARG B 17 10.35 15.03 19.92
N ALA B 18 9.72 14.30 18.99
CA ALA B 18 9.40 14.89 17.69
C ALA B 18 8.29 15.92 17.83
N ALA B 19 7.22 15.59 18.54
CA ALA B 19 6.16 16.57 18.76
C ALA B 19 6.68 17.76 19.53
N TYR B 20 7.58 17.52 20.49
CA TYR B 20 8.13 18.60 21.28
C TYR B 20 8.94 19.54 20.41
N LEU B 21 9.70 18.97 19.47
CA LEU B 21 10.45 19.79 18.52
C LEU B 21 9.50 20.61 17.63
N LEU B 22 8.45 19.99 17.09
CA LEU B 22 7.52 20.72 16.22
C LEU B 22 6.87 21.89 16.96
N ARG B 23 6.39 21.64 18.19
CA ARG B 23 5.80 22.77 18.90
C ARG B 23 6.85 23.83 19.25
N GLY B 24 8.10 23.42 19.51
CA GLY B 24 9.12 24.41 19.83
C GLY B 24 9.47 25.30 18.65
N ASN B 25 9.31 24.77 17.43
CA ASN B 25 9.63 25.52 16.21
C ASN B 25 8.46 26.36 15.71
N ASP B 26 7.38 26.40 16.45
CA ASP B 26 6.16 27.06 16.02
C ASP B 26 6.23 28.54 16.40
N LEU B 27 6.16 29.42 15.41
CA LEU B 27 6.20 30.85 15.72
C LEU B 27 4.83 31.41 16.08
N GLY B 28 3.77 30.60 16.02
CA GLY B 28 2.41 31.08 16.21
C GLY B 28 1.50 30.59 15.09
N THR B 29 1.77 31.01 13.85
CA THR B 29 1.00 30.56 12.70
C THR B 29 1.87 29.90 11.65
N MET B 30 3.19 29.91 11.81
CA MET B 30 4.09 29.18 10.93
C MET B 30 5.14 28.47 11.75
N THR B 31 5.66 27.40 11.20
CA THR B 31 6.72 26.63 11.83
C THR B 31 8.03 26.87 11.08
N THR B 32 9.11 27.16 11.79
CA THR B 32 10.36 27.32 11.07
C THR B 32 10.82 25.97 10.52
N ALA B 33 11.42 25.99 9.32
CA ALA B 33 12.04 24.77 8.79
C ALA B 33 13.14 24.25 9.73
N ALA B 34 13.93 25.17 10.33
CA ALA B 34 14.83 24.73 11.38
C ALA B 34 15.22 25.96 12.18
N PRO B 35 15.33 25.87 13.52
CA PRO B 35 15.54 27.07 14.34
C PRO B 35 16.71 27.94 13.93
N LEU B 36 17.88 27.34 13.67
CA LEU B 36 19.04 28.20 13.43
C LEU B 36 19.26 28.48 11.95
N LEU B 37 19.39 27.41 11.16
CA LEU B 37 19.81 27.58 9.77
C LEU B 37 18.69 28.14 8.90
N TYR B 38 17.43 27.82 9.21
CA TYR B 38 16.30 28.10 8.32
C TYR B 38 15.13 28.64 9.14
N PRO B 39 15.29 29.86 9.75
CA PRO B 39 14.27 30.34 10.71
C PRO B 39 13.06 30.98 10.03
N HIS B 40 12.58 30.41 8.93
CA HIS B 40 11.42 30.93 8.23
C HIS B 40 10.56 29.76 7.78
N MET B 41 9.51 30.06 7.03
CA MET B 41 8.65 29.02 6.48
C MET B 41 9.12 28.69 5.07
N TRP B 42 9.52 27.45 4.86
CA TRP B 42 9.85 26.94 3.54
C TRP B 42 8.67 26.13 3.00
N SER B 43 8.47 26.20 1.68
CA SER B 43 7.22 25.71 1.09
C SER B 43 7.04 24.20 1.25
N TRP B 44 8.01 23.40 0.77
CA TRP B 44 7.71 21.98 0.96
C TRP B 44 8.01 21.51 2.37
N ASP B 45 8.86 22.21 3.14
CA ASP B 45 8.94 21.88 4.56
C ASP B 45 7.59 22.07 5.24
N ALA B 46 6.87 23.14 4.87
CA ALA B 46 5.59 23.44 5.51
C ALA B 46 4.57 22.34 5.25
N ALA B 47 4.56 21.79 4.02
CA ALA B 47 3.68 20.67 3.73
C ALA B 47 4.04 19.47 4.61
N PHE B 48 5.34 19.19 4.77
CA PHE B 48 5.70 18.10 5.67
C PHE B 48 5.35 18.45 7.10
N VAL B 49 5.53 19.72 7.48
CA VAL B 49 5.18 20.12 8.83
C VAL B 49 3.71 19.85 9.07
N ALA B 50 2.85 20.16 8.07
CA ALA B 50 1.41 19.96 8.24
C ALA B 50 1.08 18.47 8.42
N ILE B 51 1.80 17.60 7.72
CA ILE B 51 1.65 16.14 7.91
C ILE B 51 2.03 15.75 9.34
N GLY B 52 3.19 16.21 9.81
CA GLY B 52 3.58 15.94 11.19
C GLY B 52 2.65 16.51 12.24
N LEU B 53 1.99 17.64 11.94
CA LEU B 53 1.05 18.18 12.91
C LEU B 53 -0.29 17.44 12.89
N ALA B 54 -0.64 16.81 11.77
CA ALA B 54 -1.96 16.19 11.66
C ALA B 54 -2.28 15.20 12.79
N PRO B 55 -1.35 14.35 13.27
CA PRO B 55 -1.69 13.54 14.47
C PRO B 55 -1.79 14.34 15.76
N LEU B 56 -1.24 15.56 15.82
CA LEU B 56 -1.29 16.32 17.07
C LEU B 56 -2.48 17.25 17.13
N SER B 57 -2.77 17.96 16.03
CA SER B 57 -3.86 18.94 16.00
C SER B 57 -4.21 19.17 14.54
N VAL B 58 -5.38 18.68 14.12
CA VAL B 58 -5.84 18.96 12.76
C VAL B 58 -6.01 20.45 12.56
N GLU B 59 -6.45 21.16 13.60
CA GLU B 59 -6.60 22.61 13.50
C GLU B 59 -5.28 23.28 13.16
N ARG B 60 -4.21 22.91 13.88
CA ARG B 60 -2.92 23.56 13.66
C ARG B 60 -2.27 23.11 12.36
N ALA B 61 -2.50 21.86 11.91
CA ALA B 61 -2.02 21.44 10.59
C ALA B 61 -2.66 22.29 9.50
N VAL B 62 -3.95 22.55 9.61
CA VAL B 62 -4.67 23.39 8.66
C VAL B 62 -4.14 24.82 8.70
N VAL B 63 -3.79 25.31 9.91
CA VAL B 63 -3.27 26.68 10.04
C VAL B 63 -1.96 26.82 9.28
N GLU B 64 -1.11 25.78 9.34
CA GLU B 64 0.16 25.84 8.64
C GLU B 64 -0.05 26.04 7.15
N LEU B 65 -0.95 25.25 6.54
CA LEU B 65 -1.24 25.40 5.12
C LEU B 65 -2.00 26.69 4.87
N ASP B 66 -2.87 27.08 5.80
CA ASP B 66 -3.56 28.35 5.65
C ASP B 66 -2.55 29.50 5.57
N THR B 67 -1.49 29.46 6.39
CA THR B 67 -0.50 30.53 6.40
C THR B 67 0.33 30.51 5.13
N LEU B 68 0.69 29.32 4.64
CA LEU B 68 1.44 29.20 3.40
C LEU B 68 0.65 29.76 2.22
N LEU B 69 -0.64 29.39 2.11
CA LEU B 69 -1.46 29.87 1.00
C LEU B 69 -1.83 31.34 1.13
N SER B 70 -1.78 31.94 2.33
CA SER B 70 -1.99 33.38 2.38
C SER B 70 -0.84 34.14 1.71
N ALA B 71 0.27 33.45 1.47
CA ALA B 71 1.43 34.02 0.81
C ALA B 71 1.45 33.68 -0.67
N GLN B 72 0.44 32.96 -1.16
CA GLN B 72 0.36 32.62 -2.57
C GLN B 72 0.37 33.87 -3.42
N TRP B 73 1.13 33.82 -4.51
CA TRP B 73 1.16 34.91 -5.49
C TRP B 73 -0.15 35.00 -6.28
N ARG B 74 -0.42 36.20 -6.79
N ARG B 74 -0.44 36.22 -6.75
CA ARG B 74 -1.66 36.47 -7.51
CA ARG B 74 -1.63 36.48 -7.56
C ARG B 74 -1.78 35.67 -8.81
C ARG B 74 -1.80 35.45 -8.67
N ASN B 75 -0.70 35.05 -9.28
CA ASN B 75 -0.76 34.17 -10.44
C ASN B 75 -0.84 32.69 -10.06
N GLY B 76 -0.87 32.36 -8.77
CA GLY B 76 -0.99 30.99 -8.31
C GLY B 76 0.26 30.41 -7.71
N MET B 77 1.43 31.01 -7.98
CA MET B 77 2.68 30.43 -7.53
C MET B 77 2.72 30.42 -6.02
N ILE B 78 3.09 29.29 -5.42
CA ILE B 78 3.45 29.24 -4.01
C ILE B 78 4.95 29.52 -3.90
N PRO B 79 5.38 30.64 -3.33
CA PRO B 79 6.82 30.94 -3.25
C PRO B 79 7.50 29.98 -2.30
N HIS B 80 8.83 29.82 -2.45
CA HIS B 80 9.49 28.80 -1.63
C HIS B 80 9.86 29.28 -0.23
N ILE B 81 9.91 30.59 0.04
CA ILE B 81 10.10 31.05 1.40
C ILE B 81 9.02 32.07 1.73
N VAL B 82 8.39 31.91 2.90
CA VAL B 82 7.61 32.96 3.53
C VAL B 82 8.40 33.43 4.73
N PHE B 83 8.90 34.66 4.67
CA PHE B 83 9.75 35.19 5.72
C PHE B 83 8.90 35.56 6.93
N ALA B 84 9.43 35.23 8.11
CA ALA B 84 8.75 35.48 9.35
C ALA B 84 8.89 36.95 9.74
N ASN B 85 7.91 37.46 10.47
CA ASN B 85 7.86 38.88 10.82
C ASN B 85 9.14 39.38 11.46
N GLY B 86 10.01 40.01 10.67
CA GLY B 86 11.20 40.66 11.19
C GLY B 86 12.36 39.76 11.50
N VAL B 87 12.19 38.44 11.43
CA VAL B 87 13.33 37.54 11.59
C VAL B 87 14.33 37.79 10.47
N ASP B 88 15.58 37.98 10.84
CA ASP B 88 16.67 38.18 9.88
C ASP B 88 17.51 36.90 9.83
N GLY B 89 18.83 36.96 9.98
CA GLY B 89 19.62 35.75 10.06
C GLY B 89 19.85 35.05 8.73
N TYR B 90 18.80 34.91 7.91
CA TYR B 90 18.90 34.21 6.64
C TYR B 90 19.30 35.15 5.51
N PHE B 91 19.97 34.59 4.50
CA PHE B 91 20.34 35.29 3.27
C PHE B 91 20.33 34.30 2.11
N PRO B 92 19.74 34.66 0.95
CA PRO B 92 19.22 35.98 0.61
C PRO B 92 17.88 36.29 1.27
N GLY B 93 17.77 37.46 1.88
CA GLY B 93 16.56 37.83 2.58
C GLY B 93 15.61 38.62 1.70
N PRO B 94 14.50 39.07 2.30
CA PRO B 94 13.51 39.83 1.51
C PRO B 94 14.10 41.04 0.82
N ALA B 95 15.06 41.71 1.45
CA ALA B 95 15.73 42.83 0.79
C ALA B 95 16.40 42.37 -0.49
N ARG B 96 17.13 41.26 -0.43
CA ARG B 96 17.80 40.79 -1.63
C ARG B 96 16.78 40.42 -2.70
N TRP B 97 15.69 39.73 -2.32
CA TRP B 97 14.69 39.28 -3.29
C TRP B 97 13.89 40.44 -3.87
N ALA B 98 13.53 41.42 -3.04
CA ALA B 98 12.83 42.63 -3.46
C ALA B 98 11.48 42.37 -4.13
N THR B 99 10.89 41.19 -3.93
CA THR B 99 9.61 40.88 -4.56
C THR B 99 8.50 41.85 -4.16
N ALA B 100 8.49 42.36 -2.93
CA ALA B 100 7.40 43.25 -2.49
C ALA B 100 7.29 44.49 -3.39
N THR B 101 8.40 45.00 -3.91
CA THR B 101 8.31 46.17 -4.78
C THR B 101 8.38 45.86 -6.27
N LEU B 102 8.99 44.74 -6.66
CA LEU B 102 9.22 44.44 -8.07
C LEU B 102 8.14 43.58 -8.70
N ALA B 103 7.59 42.60 -7.99
CA ALA B 103 6.68 41.63 -8.59
C ALA B 103 5.23 42.07 -8.40
N ASP B 104 4.57 42.41 -9.52
CA ASP B 104 3.14 42.69 -9.50
C ASP B 104 2.32 41.56 -8.86
N ASN B 105 2.79 40.32 -8.93
CA ASN B 105 1.99 39.23 -8.37
C ASN B 105 2.31 38.92 -6.92
N ALA B 106 3.33 39.55 -6.34
CA ALA B 106 3.69 39.25 -4.97
C ALA B 106 2.51 39.52 -4.04
N PRO B 107 2.41 38.79 -2.94
CA PRO B 107 1.27 38.96 -2.03
C PRO B 107 1.39 40.24 -1.24
N ARG B 108 0.28 40.63 -0.62
N ARG B 108 0.28 40.65 -0.63
CA ARG B 108 0.15 41.95 -0.01
CA ARG B 108 0.24 41.84 0.22
C ARG B 108 0.77 42.02 1.38
C ARG B 108 0.31 41.43 1.69
N ASN B 109 0.35 41.13 2.29
N ASN B 109 1.25 42.03 2.41
CA ASN B 109 0.79 41.24 3.67
CA ASN B 109 1.48 41.81 3.85
C ASN B 109 1.71 40.10 4.06
C ASN B 109 1.96 40.40 4.16
N ARG B 110 2.68 39.80 3.20
CA ARG B 110 3.64 38.74 3.44
C ARG B 110 4.90 39.13 2.69
N LEU B 111 6.05 38.81 3.25
CA LEU B 111 7.31 38.89 2.53
C LEU B 111 7.66 37.48 2.10
N THR B 112 7.94 37.30 0.80
CA THR B 112 8.22 35.99 0.23
C THR B 112 9.42 36.08 -0.71
N SER B 113 9.89 34.92 -1.09
CA SER B 113 10.86 34.77 -2.16
C SER B 113 10.17 34.94 -3.50
N GLY B 114 10.96 34.86 -4.57
CA GLY B 114 10.44 34.99 -5.92
C GLY B 114 10.50 33.71 -6.74
N ILE B 115 10.66 32.56 -6.08
CA ILE B 115 10.79 31.28 -6.79
C ILE B 115 9.93 30.25 -6.06
N THR B 116 9.82 29.07 -6.67
CA THR B 116 8.87 28.08 -6.20
C THR B 116 9.61 26.85 -5.63
N GLN B 117 8.87 25.76 -5.45
CA GLN B 117 9.39 24.55 -4.81
C GLN B 117 8.32 23.44 -4.96
N PRO B 118 8.70 22.18 -4.75
CA PRO B 118 7.87 21.07 -5.27
C PRO B 118 6.50 21.04 -4.66
N PRO B 119 5.47 20.64 -5.44
CA PRO B 119 4.05 20.68 -5.01
C PRO B 119 3.61 19.45 -4.22
N VAL B 120 4.21 19.24 -3.04
CA VAL B 120 3.80 18.15 -2.17
C VAL B 120 2.55 18.47 -1.37
N HIS B 121 2.00 19.70 -1.51
CA HIS B 121 0.94 20.18 -0.63
C HIS B 121 -0.33 19.31 -0.69
N ALA B 122 -0.76 18.88 -1.88
CA ALA B 122 -1.91 17.96 -1.97
C ALA B 122 -1.70 16.71 -1.10
N ILE B 123 -0.47 16.18 -1.04
CA ILE B 123 -0.21 15.04 -0.17
C ILE B 123 -0.48 15.40 1.29
N ALA B 124 0.03 16.55 1.74
CA ALA B 124 -0.29 17.01 3.08
C ALA B 124 -1.80 17.12 3.27
N VAL B 125 -2.52 17.64 2.28
CA VAL B 125 -3.96 17.73 2.42
C VAL B 125 -4.57 16.33 2.63
N GLN B 126 -4.16 15.36 1.82
N GLN B 126 -4.14 15.35 1.83
CA GLN B 126 -4.69 14.00 1.99
CA GLN B 126 -4.70 13.99 1.97
C GLN B 126 -4.45 13.49 3.41
C GLN B 126 -4.42 13.41 3.37
N ARG B 127 -3.23 13.64 3.93
CA ARG B 127 -2.95 13.12 5.28
C ARG B 127 -3.80 13.82 6.33
N ILE B 128 -4.03 15.14 6.17
CA ILE B 128 -4.88 15.86 7.13
C ILE B 128 -6.30 15.31 7.07
N LEU B 129 -6.80 15.09 5.85
CA LEU B 129 -8.13 14.52 5.68
C LEU B 129 -8.23 13.15 6.32
N GLU B 130 -7.22 12.29 6.10
CA GLU B 130 -7.25 10.94 6.64
C GLU B 130 -7.24 10.95 8.16
N HIS B 131 -6.42 11.82 8.77
CA HIS B 131 -6.47 11.97 10.23
C HIS B 131 -7.82 12.49 10.69
N ALA B 132 -8.32 13.54 10.04
CA ALA B 132 -9.59 14.13 10.47
C ALA B 132 -10.71 13.10 10.43
N ARG B 133 -10.71 12.22 9.43
CA ARG B 133 -11.78 11.22 9.37
C ARG B 133 -11.71 10.21 10.51
N THR B 134 -10.53 10.00 11.12
CA THR B 134 -10.51 9.13 12.31
C THR B 134 -10.93 9.85 13.58
N ARG B 135 -11.15 11.16 13.57
CA ARG B 135 -11.35 11.87 14.84
C ARG B 135 -12.75 12.39 15.09
N GLY B 136 -13.73 12.13 14.24
CA GLY B 136 -15.08 12.56 14.59
C GLY B 136 -15.49 13.86 13.94
N ARG B 137 -16.70 14.29 14.29
CA ARG B 137 -17.47 15.20 13.46
C ARG B 137 -16.86 16.60 13.46
N SER B 138 -16.49 17.10 14.63
CA SER B 138 -15.97 18.46 14.70
C SER B 138 -14.61 18.57 14.05
N THR B 139 -13.78 17.52 14.16
CA THR B 139 -12.48 17.59 13.51
C THR B 139 -12.65 17.46 11.99
N ARG B 140 -13.58 16.63 11.54
CA ARG B 140 -13.90 16.58 10.12
C ARG B 140 -14.39 17.94 9.64
N ALA B 141 -15.21 18.62 10.44
CA ALA B 141 -15.70 19.94 10.04
C ALA B 141 -14.53 20.89 9.78
N VAL B 142 -13.52 20.85 10.64
CA VAL B 142 -12.35 21.72 10.46
C VAL B 142 -11.66 21.41 9.13
N ALA B 143 -11.41 20.12 8.86
CA ALA B 143 -10.72 19.76 7.62
C ALA B 143 -11.56 20.14 6.40
N GLU B 144 -12.87 19.88 6.47
CA GLU B 144 -13.74 20.21 5.35
C GLU B 144 -13.89 21.72 5.19
N ALA B 145 -13.93 22.46 6.29
CA ALA B 145 -13.99 23.91 6.12
C ALA B 145 -12.73 24.42 5.44
N PHE B 146 -11.58 23.78 5.73
CA PHE B 146 -10.33 24.14 5.05
C PHE B 146 -10.44 23.92 3.55
N LEU B 147 -10.88 22.71 3.14
CA LEU B 147 -11.11 22.44 1.73
C LEU B 147 -11.96 23.52 1.08
N ASP B 148 -13.06 23.90 1.73
CA ASP B 148 -13.89 24.97 1.23
C ASP B 148 -13.08 26.25 1.01
N ARG B 149 -12.25 26.62 2.00
CA ARG B 149 -11.53 27.89 1.90
C ARG B 149 -10.45 27.86 0.82
N ARG B 150 -9.81 26.73 0.61
CA ARG B 150 -8.53 26.71 -0.05
C ARG B 150 -8.48 25.86 -1.30
N TRP B 151 -9.58 25.17 -1.65
CA TRP B 151 -9.62 24.37 -2.88
C TRP B 151 -9.26 25.22 -4.09
N GLY B 152 -9.86 26.40 -4.23
CA GLY B 152 -9.56 27.25 -5.39
C GLY B 152 -8.12 27.72 -5.40
N ASP B 153 -7.55 28.01 -4.22
CA ASP B 153 -6.14 28.35 -4.14
C ASP B 153 -5.26 27.16 -4.54
N LEU B 154 -5.63 25.95 -4.11
CA LEU B 154 -4.87 24.78 -4.52
C LEU B 154 -4.96 24.57 -6.03
N MET B 155 -6.16 24.72 -6.60
CA MET B 155 -6.31 24.62 -8.05
C MET B 155 -5.41 25.62 -8.77
N ARG B 156 -5.35 26.87 -8.25
CA ARG B 156 -4.58 27.92 -8.90
C ARG B 156 -3.09 27.65 -8.79
N TRP B 157 -2.65 27.09 -7.65
CA TRP B 157 -1.31 26.52 -7.53
C TRP B 157 -1.04 25.51 -8.64
N HIS B 158 -1.85 24.46 -8.73
CA HIS B 158 -1.61 23.44 -9.76
C HIS B 158 -1.71 24.04 -11.16
N ARG B 159 -2.65 24.97 -11.39
N ARG B 159 -2.65 24.97 -11.39
CA ARG B 159 -2.83 25.51 -12.72
CA ARG B 159 -2.82 25.50 -12.74
C ARG B 159 -1.64 26.38 -13.14
C ARG B 159 -1.63 26.38 -13.14
N TRP B 160 -1.04 27.12 -12.20
CA TRP B 160 0.12 27.94 -12.55
C TRP B 160 1.32 27.07 -12.92
N LEU B 161 1.51 25.94 -12.24
CA LEU B 161 2.55 25.00 -12.62
C LEU B 161 2.28 24.46 -14.02
N ALA B 162 1.04 24.04 -14.28
CA ALA B 162 0.71 23.41 -15.56
C ALA B 162 0.74 24.40 -16.71
N GLU B 163 0.39 25.67 -16.46
CA GLU B 163 0.32 26.60 -17.59
C GLU B 163 1.53 27.49 -17.72
N CYS B 164 2.24 27.81 -16.64
CA CYS B 164 3.35 28.75 -16.77
C CYS B 164 4.71 28.10 -16.68
N ARG B 165 4.83 26.92 -16.05
CA ARG B 165 6.10 26.24 -16.01
C ARG B 165 6.11 25.00 -16.91
N ASP B 166 5.03 24.78 -17.66
CA ASP B 166 5.01 23.80 -18.74
C ASP B 166 4.34 24.47 -19.95
N ARG B 167 4.97 25.54 -20.42
CA ARG B 167 4.37 26.40 -21.44
C ARG B 167 4.13 25.66 -22.75
N ASN B 168 4.90 24.61 -23.02
CA ASN B 168 4.75 23.88 -24.29
C ASN B 168 4.03 22.55 -24.13
N GLU B 169 3.35 22.35 -22.99
CA GLU B 169 2.58 21.12 -22.74
C GLU B 169 3.43 19.89 -23.02
N ARG B 170 4.63 19.88 -22.47
CA ARG B 170 5.51 18.75 -22.57
C ARG B 170 5.36 17.79 -21.39
N GLY B 171 4.64 18.21 -20.34
CA GLY B 171 4.46 17.36 -19.19
C GLY B 171 5.66 17.33 -18.28
N ARG B 172 6.44 18.39 -18.28
CA ARG B 172 7.56 18.54 -17.35
C ARG B 172 7.62 19.98 -16.88
N ILE B 173 7.99 20.18 -15.63
CA ILE B 173 8.08 21.52 -15.02
C ILE B 173 9.47 22.09 -15.28
N THR B 174 9.49 23.28 -15.86
CA THR B 174 10.73 24.02 -16.03
C THR B 174 11.03 24.84 -14.77
N LEU B 175 12.27 24.76 -14.27
CA LEU B 175 12.76 25.59 -13.18
C LEU B 175 13.73 26.63 -13.68
N TYR B 176 13.79 27.76 -12.97
CA TYR B 176 14.67 28.86 -13.30
C TYR B 176 15.76 29.04 -12.25
N HIS B 177 15.83 28.13 -11.28
CA HIS B 177 16.85 28.15 -10.24
C HIS B 177 16.90 26.77 -9.63
N GLY B 178 18.08 26.35 -9.22
CA GLY B 178 18.20 25.04 -8.59
C GLY B 178 17.50 24.96 -7.25
N TRP B 179 17.42 26.09 -6.51
CA TRP B 179 16.66 26.10 -5.26
C TRP B 179 15.23 25.61 -5.44
N GLU B 180 14.68 25.74 -6.65
CA GLU B 180 13.30 25.33 -6.89
C GLU B 180 13.15 23.83 -6.90
N SER B 181 14.22 23.11 -7.19
CA SER B 181 14.19 21.66 -7.16
C SER B 181 14.06 21.11 -5.75
N GLY B 182 14.38 21.93 -4.74
CA GLY B 182 14.53 21.43 -3.40
C GLY B 182 15.87 20.76 -3.15
N MET B 183 16.65 20.54 -4.20
CA MET B 183 17.92 19.85 -4.11
C MET B 183 18.98 20.76 -4.72
N ASP B 184 19.24 21.86 -4.03
CA ASP B 184 20.04 22.96 -4.54
C ASP B 184 21.37 22.46 -5.10
N ASN B 185 22.18 21.76 -4.29
CA ASN B 185 23.51 21.40 -4.73
C ASN B 185 23.60 19.98 -5.30
N SER B 186 22.49 19.45 -5.80
CA SER B 186 22.51 18.13 -6.42
C SER B 186 23.45 18.10 -7.62
N PRO B 187 24.12 16.96 -7.84
CA PRO B 187 24.89 16.81 -9.10
C PRO B 187 24.04 17.05 -10.35
N ARG B 188 22.72 16.85 -10.23
CA ARG B 188 21.78 17.10 -11.31
C ARG B 188 22.03 18.42 -12.03
N TRP B 189 22.37 19.48 -11.28
CA TRP B 189 22.45 20.83 -11.86
C TRP B 189 23.86 21.32 -12.12
N ASP B 190 24.88 20.47 -11.94
CA ASP B 190 26.26 20.95 -12.09
C ASP B 190 26.51 21.52 -13.48
N SER B 191 26.08 20.80 -14.53
N SER B 191 26.07 20.81 -14.53
CA SER B 191 26.33 21.25 -15.90
CA SER B 191 26.37 21.27 -15.89
C SER B 191 25.58 22.53 -16.20
C SER B 191 25.54 22.51 -16.27
N ALA B 192 24.35 22.66 -15.70
CA ALA B 192 23.56 23.86 -15.97
C ALA B 192 24.12 25.06 -15.24
N TYR B 193 24.50 24.88 -13.98
CA TYR B 193 25.18 25.96 -13.26
C TYR B 193 26.50 26.31 -13.92
N ALA B 194 27.17 25.34 -14.54
CA ALA B 194 28.47 25.62 -15.14
C ALA B 194 28.34 26.61 -16.31
N ASN B 195 27.16 26.69 -16.93
CA ASN B 195 26.94 27.62 -18.02
C ASN B 195 26.35 28.95 -17.56
N VAL B 196 26.25 29.17 -16.25
CA VAL B 196 25.83 30.46 -15.72
C VAL B 196 27.09 31.28 -15.49
N VAL B 197 27.31 32.27 -16.33
CA VAL B 197 28.42 33.21 -16.16
C VAL B 197 27.83 34.53 -15.68
N PRO B 198 28.12 34.95 -14.45
CA PRO B 198 27.49 36.15 -13.90
C PRO B 198 28.31 37.40 -14.17
N GLY B 199 27.60 38.53 -14.15
CA GLY B 199 28.26 39.83 -14.26
C GLY B 199 28.77 40.30 -12.92
N LYS B 200 28.57 41.58 -12.62
CA LYS B 200 28.86 42.12 -11.29
C LYS B 200 27.54 42.14 -10.52
N LEU B 201 27.46 41.33 -9.48
CA LEU B 201 26.30 41.15 -8.62
C LEU B 201 26.46 41.96 -7.34
N PRO B 202 25.38 42.54 -6.82
CA PRO B 202 25.50 43.39 -5.62
C PRO B 202 26.21 42.67 -4.48
N GLU B 203 26.99 43.41 -3.71
CA GLU B 203 27.82 42.82 -2.66
C GLU B 203 26.95 42.10 -1.63
N TYR B 204 27.44 40.95 -1.16
CA TYR B 204 26.67 40.11 -0.26
C TYR B 204 27.58 39.43 0.76
N GLN B 205 27.03 39.21 1.95
CA GLN B 205 27.70 38.47 3.02
C GLN B 205 26.89 37.20 3.27
N ARG B 206 27.49 36.05 2.97
CA ARG B 206 26.81 34.77 3.14
C ARG B 206 26.39 34.59 4.59
N ALA B 207 25.20 34.00 4.79
CA ALA B 207 24.63 33.87 6.12
C ALA B 207 24.50 32.43 6.60
N ASP B 208 24.37 31.46 5.70
CA ASP B 208 24.11 30.08 6.13
C ASP B 208 25.36 29.43 6.71
N ASN B 209 26.54 29.78 6.23
CA ASN B 209 27.78 29.14 6.68
C ASN B 209 28.30 29.71 8.00
N VAL B 210 27.75 30.83 8.48
CA VAL B 210 28.12 31.33 9.80
C VAL B 210 27.63 30.39 10.89
N ILE B 211 26.43 29.83 10.72
CA ILE B 211 25.89 28.91 11.71
C ILE B 211 26.40 27.49 11.50
N ILE B 212 26.51 27.07 10.24
CA ILE B 212 26.95 25.71 9.94
C ILE B 212 28.46 25.76 9.68
N THR B 213 29.23 25.21 10.64
CA THR B 213 30.68 25.34 10.63
C THR B 213 31.30 24.59 9.46
N ASP B 214 31.01 23.29 9.37
CA ASP B 214 31.73 22.39 8.48
C ASP B 214 31.52 22.77 7.02
N PRO B 215 32.56 23.13 6.28
CA PRO B 215 32.39 23.36 4.83
C PRO B 215 32.14 22.07 4.05
N SER B 216 32.46 20.90 4.63
CA SER B 216 32.20 19.63 3.96
C SER B 216 30.70 19.34 3.87
N GLN B 217 29.90 19.79 4.83
CA GLN B 217 28.45 19.69 4.76
C GLN B 217 27.82 21.07 4.50
N ARG B 218 28.35 21.80 3.53
CA ARG B 218 27.67 22.96 2.97
C ARG B 218 28.20 23.22 1.55
N PRO B 219 27.47 24.03 0.76
CA PRO B 219 27.94 24.34 -0.59
C PRO B 219 29.06 25.39 -0.59
N SER B 220 29.72 25.49 -1.75
CA SER B 220 30.90 26.33 -1.88
C SER B 220 30.51 27.78 -2.15
N ASP B 221 31.53 28.62 -2.37
CA ASP B 221 31.34 30.06 -2.58
C ASP B 221 31.09 30.42 -4.04
N GLY B 222 31.64 29.65 -4.98
CA GLY B 222 31.30 29.87 -6.37
C GLY B 222 29.86 29.53 -6.68
N GLU B 223 29.28 28.58 -5.93
CA GLU B 223 27.88 28.23 -6.11
C GLU B 223 26.97 29.42 -5.81
N TYR B 224 27.18 30.08 -4.67
CA TYR B 224 26.31 31.18 -4.27
C TYR B 224 26.51 32.43 -5.12
N ASP B 225 27.62 32.54 -5.85
CA ASP B 225 27.77 33.66 -6.78
C ASP B 225 26.82 33.50 -7.97
N ARG B 226 26.77 32.30 -8.56
CA ARG B 226 25.82 32.06 -9.65
C ARG B 226 24.39 32.01 -9.10
N TYR B 227 24.18 31.34 -7.96
CA TYR B 227 22.87 31.32 -7.30
C TYR B 227 22.27 32.72 -7.23
N LEU B 228 23.11 33.72 -6.93
CA LEU B 228 22.62 35.09 -6.78
C LEU B 228 22.50 35.81 -8.11
N TRP B 229 23.33 35.45 -9.09
CA TRP B 229 23.18 36.08 -10.40
C TRP B 229 21.81 35.79 -11.00
N LEU B 230 21.32 34.55 -10.85
CA LEU B 230 19.99 34.22 -11.34
C LEU B 230 18.93 35.12 -10.71
N LEU B 231 19.04 35.36 -9.40
CA LEU B 231 18.15 36.30 -8.71
C LEU B 231 18.15 37.67 -9.40
N GLU B 232 19.33 38.15 -9.81
CA GLU B 232 19.38 39.44 -10.52
C GLU B 232 18.64 39.35 -11.84
N GLU B 233 18.76 38.23 -12.54
CA GLU B 233 18.09 38.10 -13.84
C GLU B 233 16.58 38.17 -13.66
N MET B 234 16.04 37.50 -12.64
CA MET B 234 14.60 37.53 -12.41
C MET B 234 14.16 38.94 -12.03
N LYS B 235 14.95 39.61 -11.21
CA LYS B 235 14.62 40.97 -10.79
C LYS B 235 14.52 41.91 -11.99
N ALA B 236 15.46 41.80 -12.93
CA ALA B 236 15.51 42.70 -14.07
C ALA B 236 14.28 42.60 -14.96
N VAL B 237 13.47 41.55 -14.82
CA VAL B 237 12.22 41.47 -15.56
C VAL B 237 11.02 41.43 -14.61
N ARG B 238 11.21 41.88 -13.36
CA ARG B 238 10.14 42.00 -12.36
C ARG B 238 9.39 40.68 -12.15
N TYR B 239 10.10 39.56 -12.29
CA TYR B 239 9.51 38.23 -12.06
C TYR B 239 8.34 37.95 -12.99
N ASP B 240 8.33 38.59 -14.15
CA ASP B 240 7.27 38.39 -15.14
C ASP B 240 7.41 37.00 -15.77
N ASP B 241 6.36 36.19 -15.64
CA ASP B 241 6.38 34.82 -16.18
C ASP B 241 6.61 34.81 -17.69
N GLU B 242 5.98 35.74 -18.42
CA GLU B 242 6.13 35.78 -19.87
C GLU B 242 7.53 36.17 -20.30
N ARG B 243 8.24 36.94 -19.48
CA ARG B 243 9.57 37.40 -19.84
C ARG B 243 10.67 36.45 -19.37
N LEU B 244 10.42 35.63 -18.34
CA LEU B 244 11.47 34.78 -17.81
C LEU B 244 12.14 33.89 -18.86
N PRO B 245 11.43 33.25 -19.80
CA PRO B 245 12.16 32.42 -20.78
C PRO B 245 13.16 33.19 -21.60
N SER B 246 12.91 34.48 -21.84
CA SER B 246 13.79 35.29 -22.66
C SER B 246 15.13 35.60 -21.98
N VAL B 247 15.19 35.52 -20.65
CA VAL B 247 16.31 36.08 -19.91
C VAL B 247 17.02 35.11 -18.98
N MET B 248 16.43 34.00 -18.54
CA MET B 248 17.08 33.21 -17.49
C MET B 248 18.24 32.42 -18.06
N SER B 249 19.39 32.47 -17.38
CA SER B 249 20.56 31.70 -17.77
C SER B 249 20.51 30.26 -17.23
N PHE B 250 19.48 29.91 -16.48
CA PHE B 250 19.28 28.57 -15.94
C PHE B 250 17.85 28.20 -16.27
N GLN B 251 17.67 27.16 -17.10
CA GLN B 251 16.33 26.68 -17.44
C GLN B 251 16.43 25.16 -17.58
N VAL B 252 15.87 24.44 -16.62
CA VAL B 252 15.91 22.98 -16.66
C VAL B 252 14.51 22.46 -16.47
N GLU B 253 14.24 21.31 -17.08
CA GLU B 253 13.06 20.54 -16.72
C GLU B 253 13.48 19.55 -15.64
N ASP B 254 12.80 19.64 -14.50
CA ASP B 254 13.09 18.85 -13.31
C ASP B 254 12.15 17.63 -13.29
N VAL B 255 12.71 16.43 -13.51
CA VAL B 255 11.84 15.27 -13.68
C VAL B 255 11.28 14.81 -12.34
N PHE B 256 12.02 15.02 -11.25
CA PHE B 256 11.54 14.66 -9.92
C PHE B 256 10.39 15.59 -9.52
N PHE B 257 10.60 16.89 -9.69
CA PHE B 257 9.52 17.84 -9.47
C PHE B 257 8.31 17.44 -10.29
N SER B 258 8.53 17.01 -11.54
CA SER B 258 7.39 16.72 -12.41
C SER B 258 6.62 15.49 -11.94
N ALA B 259 7.35 14.45 -11.51
CA ALA B 259 6.69 13.24 -10.97
C ALA B 259 5.85 13.58 -9.74
N ILE B 260 6.39 14.42 -8.87
CA ILE B 260 5.66 14.84 -7.67
C ILE B 260 4.37 15.55 -8.08
N PHE B 261 4.47 16.42 -9.08
CA PHE B 261 3.29 17.16 -9.53
C PHE B 261 2.25 16.20 -10.07
N SER B 262 2.68 15.22 -10.89
CA SER B 262 1.75 14.18 -11.35
C SER B 262 1.02 13.52 -10.19
N VAL B 263 1.76 13.04 -9.19
CA VAL B 263 1.15 12.42 -8.01
C VAL B 263 0.23 13.39 -7.30
N ALA B 264 0.72 14.61 -7.06
CA ALA B 264 -0.10 15.63 -6.42
C ALA B 264 -1.42 15.85 -7.16
N CYS B 265 -1.37 15.93 -8.49
CA CYS B 265 -2.59 16.11 -9.26
C CYS B 265 -3.56 14.96 -9.06
N GLN B 266 -3.05 13.72 -9.11
CA GLN B 266 -3.92 12.57 -8.91
C GLN B 266 -4.53 12.60 -7.51
N VAL B 267 -3.72 12.90 -6.49
CA VAL B 267 -4.24 12.98 -5.12
C VAL B 267 -5.29 14.08 -5.02
N LEU B 268 -4.99 15.26 -5.56
CA LEU B 268 -5.95 16.37 -5.45
C LEU B 268 -7.25 16.03 -6.18
N ALA B 269 -7.14 15.35 -7.35
CA ALA B 269 -8.32 14.93 -8.10
C ALA B 269 -9.20 13.98 -7.29
N GLU B 270 -8.61 13.01 -6.60
CA GLU B 270 -9.39 12.09 -5.81
C GLU B 270 -10.03 12.79 -4.62
N ILE B 271 -9.32 13.74 -4.01
CA ILE B 271 -9.94 14.56 -2.97
C ILE B 271 -11.17 15.28 -3.55
N GLY B 272 -11.00 15.92 -4.72
CA GLY B 272 -12.11 16.67 -5.30
C GLY B 272 -13.31 15.80 -5.62
N GLU B 273 -13.08 14.57 -6.05
CA GLU B 273 -14.18 13.62 -6.23
C GLU B 273 -14.88 13.34 -4.91
N ASP B 274 -14.11 12.95 -3.89
CA ASP B 274 -14.68 12.63 -2.58
C ASP B 274 -15.42 13.80 -1.95
N TYR B 275 -15.02 15.05 -2.23
CA TYR B 275 -15.64 16.19 -1.55
C TYR B 275 -16.47 17.05 -2.50
N LYS B 276 -16.92 16.46 -3.62
CA LYS B 276 -17.85 17.06 -4.57
C LYS B 276 -17.40 18.45 -5.00
N ARG B 277 -16.12 18.54 -5.38
CA ARG B 277 -15.59 19.76 -5.98
C ARG B 277 -16.07 19.88 -7.42
N PRO B 278 -15.96 21.06 -8.04
CA PRO B 278 -16.41 21.20 -9.44
C PRO B 278 -15.83 20.13 -10.35
N HIS B 279 -16.67 19.61 -11.25
N HIS B 279 -16.67 19.60 -11.24
CA HIS B 279 -16.23 18.54 -12.14
CA HIS B 279 -16.22 18.54 -12.14
C HIS B 279 -15.16 19.01 -13.11
C HIS B 279 -15.09 19.03 -13.04
N ALA B 280 -15.17 20.28 -13.50
CA ALA B 280 -14.14 20.80 -14.39
C ALA B 280 -12.77 20.81 -13.72
N ASP B 281 -12.71 21.07 -12.41
CA ASP B 281 -11.44 21.04 -11.69
C ASP B 281 -10.88 19.62 -11.62
N VAL B 282 -11.72 18.67 -11.25
CA VAL B 282 -11.29 17.29 -11.15
C VAL B 282 -10.77 16.79 -12.51
N LYS B 283 -11.49 17.13 -13.58
CA LYS B 283 -11.09 16.68 -14.90
C LYS B 283 -9.74 17.28 -15.30
N ASP B 284 -9.52 18.58 -15.03
CA ASP B 284 -8.21 19.17 -15.28
C ASP B 284 -7.11 18.45 -14.48
N LEU B 285 -7.37 18.19 -13.19
CA LEU B 285 -6.35 17.55 -12.38
C LEU B 285 -6.00 16.16 -12.91
N TYR B 286 -7.00 15.38 -13.34
CA TYR B 286 -6.67 14.10 -13.96
C TYR B 286 -5.92 14.30 -15.26
N LEU B 287 -6.26 15.34 -16.02
CA LEU B 287 -5.51 15.56 -17.27
C LEU B 287 -4.05 15.89 -16.97
N TRP B 288 -3.80 16.73 -15.96
CA TRP B 288 -2.42 17.09 -15.63
C TRP B 288 -1.67 15.89 -15.06
N ALA B 289 -2.32 15.12 -14.18
CA ALA B 289 -1.67 13.92 -13.66
C ALA B 289 -1.16 13.03 -14.79
N GLU B 290 -1.97 12.85 -15.83
CA GLU B 290 -1.58 11.97 -16.92
C GLU B 290 -0.52 12.62 -17.81
N ARG B 291 -0.65 13.92 -18.04
CA ARG B 291 0.33 14.62 -18.87
C ARG B 291 1.72 14.51 -18.25
N PHE B 292 1.83 14.77 -16.95
CA PHE B 292 3.13 14.80 -16.31
C PHE B 292 3.66 13.39 -16.04
N ARG B 293 2.79 12.42 -15.76
CA ARG B 293 3.21 11.02 -15.80
C ARG B 293 3.85 10.72 -17.16
N ALA B 294 3.19 11.14 -18.25
CA ALA B 294 3.72 10.89 -19.59
C ALA B 294 5.02 11.66 -19.82
N GLY B 295 5.08 12.90 -19.33
CA GLY B 295 6.29 13.69 -19.49
C GLY B 295 7.45 13.10 -18.71
N VAL B 296 7.18 12.54 -17.54
CA VAL B 296 8.25 11.86 -16.79
C VAL B 296 8.74 10.64 -17.57
N VAL B 297 7.81 9.86 -18.11
CA VAL B 297 8.25 8.60 -18.74
C VAL B 297 9.05 8.89 -20.01
N GLU B 298 8.75 10.00 -20.69
CA GLU B 298 9.47 10.28 -21.93
C GLU B 298 10.96 10.51 -21.68
N THR B 299 11.34 10.90 -20.47
CA THR B 299 12.74 11.13 -20.16
C THR B 299 13.53 9.85 -19.90
N THR B 300 12.89 8.68 -19.85
CA THR B 300 13.54 7.55 -19.19
C THR B 300 14.45 6.78 -20.13
N ASP B 301 15.53 6.26 -19.55
CA ASP B 301 16.42 5.37 -20.26
C ASP B 301 15.67 4.08 -20.62
N GLN B 302 15.79 3.65 -21.88
CA GLN B 302 15.00 2.52 -22.35
C GLN B 302 15.36 1.21 -21.66
N ARG B 303 16.61 1.06 -21.23
CA ARG B 303 17.02 -0.19 -20.59
C ARG B 303 16.79 -0.17 -19.07
N THR B 304 17.14 0.90 -18.39
CA THR B 304 17.07 0.95 -16.93
C THR B 304 15.83 1.61 -16.36
N GLY B 305 15.09 2.39 -17.17
CA GLY B 305 14.01 3.21 -16.66
C GLY B 305 14.44 4.48 -15.96
N ALA B 306 15.74 4.72 -15.81
CA ALA B 306 16.17 5.90 -15.08
C ALA B 306 15.66 7.17 -15.76
N ALA B 307 15.01 8.03 -15.00
CA ALA B 307 14.54 9.32 -15.51
C ALA B 307 15.68 10.33 -15.53
N ARG B 308 15.69 11.16 -16.57
CA ARG B 308 16.72 12.17 -16.79
C ARG B 308 16.10 13.57 -16.70
N ASP B 309 16.83 14.51 -16.11
CA ASP B 309 16.43 15.92 -16.23
C ASP B 309 16.85 16.48 -17.59
N PHE B 310 16.34 17.66 -17.92
CA PHE B 310 16.60 18.21 -19.23
C PHE B 310 17.02 19.66 -19.12
N ASP B 311 18.18 19.99 -19.69
CA ASP B 311 18.68 21.36 -19.71
C ASP B 311 18.10 22.04 -20.94
N VAL B 312 17.16 22.96 -20.72
CA VAL B 312 16.47 23.59 -21.84
C VAL B 312 17.42 24.43 -22.67
N LEU B 313 18.33 25.18 -22.03
CA LEU B 313 19.23 26.04 -22.79
C LEU B 313 20.23 25.21 -23.58
N ALA B 314 20.85 24.21 -22.95
CA ALA B 314 21.83 23.40 -23.68
C ALA B 314 21.16 22.44 -24.63
N GLU B 315 19.88 22.11 -24.38
CA GLU B 315 19.13 21.12 -25.14
C GLU B 315 19.76 19.73 -25.03
N LYS B 316 20.08 19.34 -23.80
CA LYS B 316 20.67 18.02 -23.62
C LYS B 316 20.12 17.35 -22.37
N TRP B 317 19.92 16.04 -22.46
CA TRP B 317 19.54 15.27 -21.28
C TRP B 317 20.65 15.34 -20.25
N LEU B 318 20.29 15.62 -19.00
CA LEU B 318 21.23 15.63 -17.91
C LEU B 318 21.26 14.24 -17.29
N VAL B 319 22.35 13.51 -17.54
CA VAL B 319 22.52 12.14 -17.07
C VAL B 319 23.38 12.16 -15.80
N THR B 320 22.74 11.96 -14.65
CA THR B 320 23.41 11.89 -13.36
C THR B 320 22.87 10.69 -12.58
N GLU B 321 23.59 10.28 -11.55
CA GLU B 321 23.22 9.13 -10.73
C GLU B 321 22.79 9.59 -9.33
N THR B 322 21.62 10.21 -9.27
CA THR B 322 21.02 10.63 -8.02
C THR B 322 19.65 10.00 -7.87
N ALA B 323 19.05 10.22 -6.69
CA ALA B 323 17.79 9.57 -6.39
C ALA B 323 16.66 10.06 -7.30
N ALA B 324 16.83 11.22 -7.95
CA ALA B 324 15.85 11.73 -8.89
C ALA B 324 15.62 10.79 -10.07
N GLN B 325 16.59 9.95 -10.41
CA GLN B 325 16.39 8.94 -11.44
C GLN B 325 15.13 8.10 -11.19
N PHE B 326 14.71 7.96 -9.94
CA PHE B 326 13.60 7.09 -9.56
C PHE B 326 12.26 7.80 -9.57
N ALA B 327 12.22 9.07 -10.00
CA ALA B 327 10.96 9.78 -10.26
C ALA B 327 9.85 8.90 -10.85
N PRO B 328 10.08 8.09 -11.90
CA PRO B 328 8.95 7.35 -12.49
C PRO B 328 8.31 6.42 -11.48
N LEU B 329 9.07 5.95 -10.48
CA LEU B 329 8.48 5.04 -9.50
C LEU B 329 7.41 5.74 -8.69
N LEU B 330 7.46 7.07 -8.60
CA LEU B 330 6.50 7.74 -7.76
C LEU B 330 5.19 7.90 -8.48
N CYS B 331 5.24 8.31 -9.74
CA CYS B 331 4.03 8.66 -10.43
C CYS B 331 3.44 7.51 -11.25
N GLY B 332 4.20 6.43 -11.47
CA GLY B 332 3.72 5.36 -12.34
C GLY B 332 3.92 5.71 -13.81
N GLY B 333 3.51 4.78 -14.68
CA GLY B 333 3.42 4.99 -16.11
C GLY B 333 4.47 4.29 -16.95
N LEU B 334 5.48 3.70 -16.34
CA LEU B 334 6.47 2.97 -17.11
C LEU B 334 5.89 1.64 -17.59
N PRO B 335 6.32 1.15 -18.76
CA PRO B 335 6.04 -0.25 -19.12
C PRO B 335 6.55 -1.19 -18.04
N HIS B 336 5.83 -2.30 -17.87
CA HIS B 336 6.14 -3.32 -16.88
C HIS B 336 7.63 -3.66 -16.81
N ASP B 337 8.23 -4.08 -17.93
CA ASP B 337 9.63 -4.51 -17.89
C ASP B 337 10.56 -3.36 -17.49
N ARG B 338 10.27 -2.16 -17.96
CA ARG B 338 11.18 -1.07 -17.68
C ARG B 338 11.11 -0.68 -16.22
N GLU B 339 9.93 -0.87 -15.61
CA GLU B 339 9.79 -0.57 -14.19
C GLU B 339 10.51 -1.61 -13.35
N ARG B 340 10.41 -2.89 -13.72
CA ARG B 340 11.19 -3.90 -13.00
C ARG B 340 12.67 -3.56 -13.07
N ALA B 341 13.12 -3.07 -14.22
CA ALA B 341 14.52 -2.69 -14.37
C ALA B 341 14.88 -1.55 -13.43
N LEU B 342 13.97 -0.58 -13.25
CA LEU B 342 14.27 0.57 -12.42
C LEU B 342 14.28 0.19 -10.94
N LEU B 343 13.35 -0.68 -10.53
CA LEU B 343 13.39 -1.21 -9.16
C LEU B 343 14.66 -1.97 -8.89
N LYS B 344 15.16 -2.71 -9.88
CA LYS B 344 16.42 -3.41 -9.73
C LYS B 344 17.57 -2.45 -9.48
N LEU B 345 17.63 -1.35 -10.24
CA LEU B 345 18.64 -0.32 -9.98
C LEU B 345 18.51 0.26 -8.58
N LEU B 346 17.29 0.56 -8.15
CA LEU B 346 17.06 1.12 -6.82
C LEU B 346 17.54 0.20 -5.71
N GLU B 347 17.38 -1.11 -5.89
CA GLU B 347 17.67 -2.06 -4.83
C GLU B 347 19.07 -2.64 -4.95
N GLY B 348 19.76 -2.39 -6.05
CA GLY B 348 21.07 -2.97 -6.27
C GLY B 348 22.19 -2.15 -5.65
N PRO B 349 23.43 -2.56 -5.92
CA PRO B 349 24.59 -1.99 -5.24
C PRO B 349 24.87 -0.53 -5.56
N ARG B 350 24.21 0.05 -6.56
CA ARG B 350 24.45 1.47 -6.84
C ARG B 350 23.61 2.37 -5.95
N PHE B 351 22.56 1.81 -5.33
CA PHE B 351 21.76 2.57 -4.40
C PHE B 351 21.52 1.78 -3.12
N CYS B 352 20.29 1.32 -2.86
CA CYS B 352 19.96 0.79 -1.55
C CYS B 352 20.71 -0.49 -1.23
N GLY B 353 21.20 -1.21 -2.24
CA GLY B 353 21.99 -2.38 -2.03
C GLY B 353 23.48 -2.17 -1.90
N HIS B 354 23.98 -0.93 -1.83
CA HIS B 354 25.42 -0.72 -1.72
C HIS B 354 25.93 -1.35 -0.42
N PRO B 355 26.97 -2.19 -0.47
CA PRO B 355 27.36 -2.94 0.74
C PRO B 355 27.87 -2.08 1.90
N ASP B 356 28.21 -0.80 1.70
CA ASP B 356 28.77 0.01 2.79
C ASP B 356 27.72 0.84 3.53
N LEU B 357 26.49 0.86 3.05
CA LEU B 357 25.43 1.62 3.68
C LEU B 357 25.07 1.05 5.05
N LYS B 358 24.81 1.95 6.00
CA LYS B 358 24.43 1.52 7.33
C LYS B 358 22.96 1.12 7.40
N TYR B 359 22.10 1.80 6.65
CA TYR B 359 20.69 1.49 6.59
C TYR B 359 20.31 1.15 5.15
N GLY B 360 19.30 0.31 5.01
CA GLY B 360 18.75 0.07 3.69
C GLY B 360 17.91 1.26 3.24
N LEU B 361 18.56 2.36 2.84
CA LEU B 361 17.83 3.58 2.50
C LEU B 361 18.45 4.16 1.24
N ILE B 362 17.77 5.13 0.65
CA ILE B 362 18.13 5.67 -0.66
C ILE B 362 19.10 6.82 -0.45
N PRO B 363 20.35 6.71 -0.87
CA PRO B 363 21.25 7.86 -0.80
C PRO B 363 20.94 8.87 -1.89
N SER B 364 21.15 10.16 -1.57
CA SER B 364 20.74 11.21 -2.48
C SER B 364 21.51 11.14 -3.78
N THR B 365 22.74 10.64 -3.73
CA THR B 365 23.57 10.39 -4.90
C THR B 365 24.20 9.01 -4.73
N SER B 366 24.32 8.27 -5.83
CA SER B 366 24.87 6.92 -5.74
C SER B 366 26.30 6.95 -5.22
N PRO B 367 26.62 6.14 -4.20
CA PRO B 367 28.02 6.06 -3.72
C PRO B 367 29.04 5.70 -4.78
N VAL B 368 28.66 5.03 -5.88
CA VAL B 368 29.65 4.69 -6.90
C VAL B 368 29.77 5.77 -7.94
N SER B 369 28.99 6.85 -7.84
CA SER B 369 29.08 7.96 -8.78
C SER B 369 30.31 8.82 -8.51
N ARG B 370 30.89 9.34 -9.59
CA ARG B 370 32.02 10.26 -9.46
C ARG B 370 31.67 11.52 -8.66
N ASP B 371 30.39 11.91 -8.63
CA ASP B 371 30.00 13.14 -7.95
C ASP B 371 29.71 12.92 -6.47
N PHE B 372 29.78 11.67 -6.02
CA PHE B 372 29.37 11.34 -4.66
C PHE B 372 30.27 12.01 -3.64
N ARG B 373 29.66 12.68 -2.66
CA ARG B 373 30.41 13.23 -1.53
C ARG B 373 29.62 12.80 -0.30
N PRO B 374 30.19 11.97 0.57
CA PRO B 374 29.37 11.38 1.63
C PRO B 374 28.79 12.38 2.62
N ARG B 375 29.35 13.58 2.74
CA ARG B 375 28.90 14.54 3.75
C ARG B 375 28.10 15.71 3.19
N GLU B 376 27.98 15.85 1.86
CA GLU B 376 27.68 17.14 1.21
C GLU B 376 26.24 17.19 0.69
N TYR B 377 25.30 17.49 1.60
CA TYR B 377 23.89 17.75 1.27
C TYR B 377 23.23 16.71 0.40
N TRP B 378 22.99 17.06 -0.88
CA TRP B 378 22.30 16.19 -1.81
C TRP B 378 23.25 15.44 -2.72
N ARG B 379 24.56 15.49 -2.44
CA ARG B 379 25.58 14.79 -3.21
C ARG B 379 25.94 13.42 -2.64
N GLY B 380 25.05 12.80 -1.85
CA GLY B 380 25.35 11.53 -1.24
C GLY B 380 24.53 11.18 -0.02
N PRO B 381 24.43 12.12 0.97
CA PRO B 381 23.70 11.80 2.20
C PRO B 381 22.29 11.28 2.00
N VAL B 382 21.80 10.61 3.04
CA VAL B 382 20.43 10.12 3.11
C VAL B 382 19.59 11.16 3.80
N TRP B 383 18.48 11.52 3.19
CA TRP B 383 17.54 12.50 3.72
C TRP B 383 16.26 11.81 4.17
N PRO B 384 15.91 11.85 5.46
CA PRO B 384 14.62 11.31 5.90
C PRO B 384 13.41 11.78 5.12
N VAL B 385 13.43 13.02 4.61
CA VAL B 385 12.29 13.51 3.86
C VAL B 385 12.17 12.74 2.53
N LEU B 386 13.29 12.39 1.92
N LEU B 386 13.29 12.35 1.96
CA LEU B 386 13.19 11.57 0.71
CA LEU B 386 13.27 11.59 0.72
C LEU B 386 12.71 10.16 1.05
C LEU B 386 12.86 10.14 0.98
N THR B 387 13.23 9.59 2.13
CA THR B 387 12.73 8.29 2.58
C THR B 387 11.21 8.31 2.78
N TRP B 388 10.73 9.36 3.45
CA TRP B 388 9.30 9.48 3.71
C TRP B 388 8.53 9.52 2.40
N LEU B 389 8.99 10.37 1.47
CA LEU B 389 8.25 10.56 0.24
C LEU B 389 8.25 9.29 -0.62
N PHE B 390 9.40 8.63 -0.77
CA PHE B 390 9.42 7.39 -1.51
C PHE B 390 8.53 6.35 -0.82
N SER B 391 8.58 6.28 0.52
N SER B 391 8.59 6.28 0.52
CA SER B 391 7.80 5.23 1.18
CA SER B 391 7.82 5.27 1.24
C SER B 391 6.32 5.50 1.03
C SER B 391 6.33 5.50 1.05
N TRP B 392 5.91 6.76 1.13
CA TRP B 392 4.49 7.06 0.96
C TRP B 392 4.05 6.79 -0.48
N CYS B 393 4.85 7.20 -1.48
CA CYS B 393 4.47 6.92 -2.86
C CYS B 393 4.50 5.42 -3.18
N PHE B 394 5.46 4.68 -2.61
CA PHE B 394 5.51 3.24 -2.84
C PHE B 394 4.26 2.59 -2.30
N ALA B 395 3.79 3.00 -1.10
CA ALA B 395 2.57 2.40 -0.56
C ALA B 395 1.39 2.63 -1.51
N ARG B 396 1.35 3.80 -2.12
CA ARG B 396 0.30 4.17 -3.04
C ARG B 396 0.37 3.37 -4.34
N ARG B 397 1.57 2.96 -4.76
CA ARG B 397 1.68 2.05 -5.91
C ARG B 397 1.27 0.61 -5.54
N GLY B 398 1.07 0.32 -4.26
CA GLY B 398 0.72 -1.03 -3.85
C GLY B 398 1.91 -1.86 -3.39
N TRP B 399 3.09 -1.25 -3.30
CA TRP B 399 4.32 -1.96 -2.93
C TRP B 399 4.45 -1.91 -1.41
N ALA B 400 3.56 -2.66 -0.76
CA ALA B 400 3.40 -2.50 0.68
C ALA B 400 4.70 -2.84 1.42
N GLU B 401 5.34 -3.95 1.04
CA GLU B 401 6.58 -4.38 1.69
C GLU B 401 7.74 -3.41 1.43
N ARG B 402 7.92 -2.96 0.20
CA ARG B 402 8.98 -1.97 -0.02
C ARG B 402 8.73 -0.73 0.84
N ALA B 403 7.49 -0.25 0.89
CA ALA B 403 7.18 0.94 1.68
C ALA B 403 7.47 0.70 3.16
N ARG B 404 7.15 -0.50 3.66
CA ARG B 404 7.39 -0.84 5.06
C ARG B 404 8.89 -0.91 5.35
N LEU B 405 9.69 -1.47 4.44
CA LEU B 405 11.13 -1.54 4.67
C LEU B 405 11.74 -0.13 4.77
N LEU B 406 11.32 0.79 3.91
CA LEU B 406 11.81 2.17 3.98
C LEU B 406 11.42 2.80 5.30
N ARG B 407 10.16 2.66 5.70
N ARG B 407 10.17 2.57 5.73
CA ARG B 407 9.73 3.23 6.98
CA ARG B 407 9.62 3.15 6.95
C ARG B 407 10.57 2.66 8.12
C ARG B 407 10.34 2.61 8.19
N GLN B 408 10.74 1.34 8.14
CA GLN B 408 11.41 0.70 9.27
C GLN B 408 12.85 1.17 9.38
N GLU B 409 13.55 1.28 8.26
CA GLU B 409 14.93 1.72 8.29
C GLU B 409 15.02 3.21 8.58
N GLY B 410 14.06 3.99 8.06
CA GLY B 410 13.98 5.40 8.39
C GLY B 410 13.81 5.64 9.87
N LEU B 411 12.93 4.84 10.53
CA LEU B 411 12.73 4.98 11.97
C LEU B 411 13.98 4.59 12.76
N ARG B 412 14.70 3.57 12.28
CA ARG B 412 15.92 3.18 12.97
C ARG B 412 16.97 4.27 12.89
N GLN B 413 17.20 4.82 11.69
CA GLN B 413 18.15 5.91 11.53
C GLN B 413 17.78 7.12 12.39
N ALA B 414 16.49 7.44 12.48
CA ALA B 414 16.02 8.60 13.21
C ALA B 414 15.96 8.39 14.71
N SER B 415 16.16 7.17 15.19
N SER B 415 16.17 7.17 15.20
CA SER B 415 15.94 6.91 16.61
CA SER B 415 15.96 6.90 16.60
C SER B 415 17.00 7.53 17.51
C SER B 415 16.99 7.56 17.51
N ASP B 416 18.04 8.18 16.96
CA ASP B 416 18.94 8.94 17.84
C ASP B 416 18.29 10.23 18.31
N GLY B 417 17.20 10.66 17.68
CA GLY B 417 16.52 11.89 18.10
C GLY B 417 17.24 13.18 17.77
N SER B 418 18.16 13.17 16.81
CA SER B 418 18.77 14.43 16.38
C SER B 418 17.85 15.21 15.48
N PHE B 419 16.96 14.50 14.79
CA PHE B 419 16.08 15.09 13.77
C PHE B 419 16.90 15.89 12.78
N ALA B 420 18.02 15.31 12.38
CA ALA B 420 18.88 15.89 11.37
C ALA B 420 18.19 15.90 10.01
N ALA B 421 18.58 16.87 9.20
CA ALA B 421 18.04 16.92 7.85
C ALA B 421 18.62 15.82 6.98
N TYR B 422 19.87 15.44 7.18
CA TYR B 422 20.43 14.31 6.44
C TYR B 422 21.51 13.62 7.27
N TYR B 423 21.81 12.38 6.88
CA TYR B 423 22.70 11.50 7.62
C TYR B 423 23.79 11.00 6.68
N GLU B 424 24.99 10.85 7.22
CA GLU B 424 26.09 10.27 6.48
C GLU B 424 25.73 8.83 6.10
N PRO B 425 25.87 8.44 4.83
CA PRO B 425 25.25 7.17 4.38
C PRO B 425 25.93 5.92 4.89
N PHE B 426 27.21 6.00 5.28
CA PHE B 426 28.01 4.86 5.71
C PHE B 426 28.07 4.68 7.21
N THR B 427 28.22 5.78 7.95
CA THR B 427 28.36 5.77 9.40
C THR B 427 27.07 6.11 10.14
N GLY B 428 26.06 6.67 9.45
CA GLY B 428 24.86 7.09 10.12
C GLY B 428 24.99 8.36 10.94
N GLU B 429 26.11 9.05 10.86
CA GLU B 429 26.29 10.31 11.57
C GLU B 429 25.24 11.34 11.14
N PRO B 430 24.52 11.95 12.08
CA PRO B 430 23.64 13.06 11.71
C PRO B 430 24.46 14.24 11.20
N LEU B 431 23.97 14.90 10.14
CA LEU B 431 24.71 15.96 9.50
C LEU B 431 23.83 17.19 9.31
N GLY B 432 24.48 18.30 8.99
CA GLY B 432 23.75 19.49 8.60
C GLY B 432 23.07 20.12 9.80
N SER B 433 21.90 20.69 9.54
CA SER B 433 21.09 21.27 10.61
C SER B 433 20.44 20.15 11.41
N MET B 434 20.56 20.25 12.74
CA MET B 434 19.72 19.47 13.62
C MET B 434 18.39 20.20 13.79
N GLN B 435 17.44 19.52 14.44
CA GLN B 435 16.16 20.15 14.80
C GLN B 435 15.33 20.47 13.58
N GLN B 436 15.48 19.69 12.54
CA GLN B 436 14.81 20.00 11.28
C GLN B 436 13.35 19.57 11.39
N SER B 437 12.44 20.52 11.24
CA SER B 437 11.02 20.27 11.39
C SER B 437 10.53 19.08 10.56
N TRP B 438 10.91 19.01 9.28
CA TRP B 438 10.31 17.95 8.47
C TRP B 438 10.90 16.58 8.76
N THR B 439 12.04 16.45 9.45
CA THR B 439 12.46 15.13 9.92
C THR B 439 11.63 14.68 11.13
N ALA B 440 11.33 15.61 12.06
CA ALA B 440 10.36 15.30 13.10
C ALA B 440 9.01 14.92 12.50
N ALA B 441 8.58 15.65 11.46
CA ALA B 441 7.28 15.34 10.85
C ALA B 441 7.26 13.93 10.27
N ALA B 442 8.30 13.56 9.53
CA ALA B 442 8.34 12.21 8.98
C ALA B 442 8.26 11.16 10.09
N VAL B 443 9.02 11.35 11.18
CA VAL B 443 9.00 10.40 12.28
C VAL B 443 7.59 10.31 12.87
N LEU B 444 6.94 11.45 13.08
CA LEU B 444 5.59 11.43 13.64
C LEU B 444 4.62 10.68 12.73
N ASP B 445 4.67 10.93 11.41
CA ASP B 445 3.76 10.23 10.51
C ASP B 445 4.03 8.72 10.48
N TRP B 446 5.30 8.34 10.41
CA TRP B 446 5.69 6.93 10.47
C TRP B 446 5.20 6.24 11.74
N LEU B 447 5.46 6.86 12.90
N LEU B 447 5.06 7.02 12.83
CA LEU B 447 5.23 6.12 14.13
CA LEU B 447 4.55 6.56 14.13
C LEU B 447 3.76 5.75 14.26
C LEU B 447 3.22 7.17 14.55
N GLY B 448 2.86 6.56 13.70
N GLY B 448 2.49 7.83 13.66
CA GLY B 448 1.44 6.33 13.93
CA GLY B 448 1.36 8.66 14.09
C GLY B 448 1.14 6.29 15.40
C GLY B 448 -0.04 8.18 13.81
C1 GOL C . 6.63 -25.71 -14.72
O1 GOL C . 7.49 -24.92 -15.51
C2 GOL C . 5.52 -26.27 -15.60
O2 GOL C . 4.53 -25.29 -15.93
C3 GOL C . 4.95 -27.52 -14.95
O3 GOL C . 3.57 -27.62 -15.24
C1 GOL D . 16.38 -12.48 -4.93
O1 GOL D . 16.79 -13.30 -6.01
C2 GOL D . 15.64 -11.28 -5.48
O2 GOL D . 15.23 -11.58 -6.80
C3 GOL D . 14.41 -10.98 -4.63
O3 GOL D . 13.86 -9.71 -4.94
C1 GOL E . -24.76 -9.27 -14.81
O1 GOL E . -24.43 -8.57 -16.00
C2 GOL E . -24.87 -8.25 -13.70
O2 GOL E . -25.33 -7.03 -14.24
C3 GOL E . -25.83 -8.76 -12.63
O3 GOL E . -25.99 -7.75 -11.65
C1 GOL F . -13.67 0.30 4.84
O1 GOL F . -12.88 0.76 3.75
C2 GOL F . -12.79 0.18 6.07
O2 GOL F . -11.57 0.84 5.81
C3 GOL F . -13.46 0.74 7.32
O3 GOL F . -12.79 0.22 8.46
C1 GOL G . 1.55 -35.63 11.25
O1 GOL G . 2.12 -34.36 10.99
C2 GOL G . 0.42 -35.87 10.25
O2 GOL G . 0.93 -35.90 8.94
C3 GOL G . -0.29 -37.19 10.51
O3 GOL G . -0.92 -37.59 9.31
C1 GOL H . -12.47 -23.41 6.54
O1 GOL H . -11.64 -23.78 5.47
C2 GOL H . -12.81 -24.69 7.32
O2 GOL H . -14.09 -24.60 7.87
C3 GOL H . -11.78 -24.96 8.44
O3 GOL H . -11.51 -23.77 9.19
C10 9YW I . -15.90 -27.52 6.03
C6 9YW I . -11.68 -24.80 8.35
C5 9YW I . -12.89 -24.58 7.43
C4 9YW I . -12.77 -23.29 6.61
C3 9YW I . -14.03 -22.91 5.93
C2 9YW I . -15.16 -22.89 6.85
C1 9YW I . -15.34 -24.25 7.55
C09 9YW I . -16.06 -26.48 7.14
O5 9YW I . -14.11 -24.67 8.23
O1 9YW I . -15.70 -25.24 6.61
O11 9YW I . -16.37 -28.69 6.19
O12 9YW I . -15.30 -27.22 4.96
O2 9YW I . -16.32 -22.56 6.13
O3 9YW I . -13.92 -21.67 5.29
O4 9YW I . -11.79 -23.50 5.63
O6 9YW I . -11.45 -23.65 9.15
N SER J . -15.72 -26.19 6.96
CA SER J . -16.63 -27.19 6.42
C SER J . -17.34 -27.95 7.56
O SER J . -18.11 -27.35 8.32
CB SER J . -15.87 -28.16 5.51
OG SER J . -15.04 -27.48 4.58
OXT SER J . -17.22 -29.17 7.75
C1 GOL K . 8.72 -8.83 8.85
O1 GOL K . 8.43 -7.80 9.76
C2 GOL K . 7.88 -8.49 7.64
O2 GOL K . 6.50 -8.44 7.98
C3 GOL K . 8.12 -9.40 6.46
O3 GOL K . 7.25 -8.87 5.48
C1 GOL L . -10.50 28.50 -9.46
O1 GOL L . -9.21 28.42 -10.03
C2 GOL L . -11.31 27.23 -9.76
O2 GOL L . -10.55 26.29 -10.52
C3 GOL L . -11.77 26.64 -8.44
O3 GOL L . -13.01 25.98 -8.60
C1 GOL M . -4.46 8.36 10.12
O1 GOL M . -4.26 8.13 8.75
C2 GOL M . -3.50 7.43 10.86
O2 GOL M . -2.20 7.57 10.32
C3 GOL M . -3.52 7.70 12.37
O3 GOL M . -2.73 6.73 13.01
C1 GOL N . 17.31 10.17 -21.99
O1 GOL N . 17.93 9.05 -21.37
C2 GOL N . 16.54 9.68 -23.23
O2 GOL N . 16.53 8.27 -23.29
C3 GOL N . 15.11 10.21 -23.21
O3 GOL N . 14.31 9.51 -24.14
C1 GOL O . 6.02 35.43 12.20
O1 GOL O . 5.87 36.20 11.02
C2 GOL O . 4.94 34.38 12.20
O2 GOL O . 4.12 34.57 11.06
C3 GOL O . 4.08 34.46 13.47
O3 GOL O . 3.26 33.31 13.52
C10 9YW P . 17.53 27.05 0.51
C6 9YW P . 14.57 24.24 4.23
C5 9YW P . 15.24 24.05 2.86
C4 9YW P . 14.67 22.80 2.16
C3 9YW P . 15.52 22.37 1.03
C2 9YW P . 16.94 22.29 1.39
C1 9YW P . 17.47 23.63 1.91
C09 9YW P . 18.06 25.84 1.30
O5 9YW P . 16.69 24.00 3.08
O1 9YW P . 17.38 24.67 0.94
O11 9YW P . 16.54 27.00 -0.29
O12 9YW P . 18.12 28.15 0.67
O2 9YW P . 17.72 21.87 0.31
O3 9YW P . 15.09 21.15 0.48
O4 9YW P . 13.38 23.17 1.70
O6 9YW P . 14.77 23.06 4.99
#